data_2CDU
#
_entry.id   2CDU
#
_cell.length_a   59.636
_cell.length_b   92.644
_cell.length_c   163.465
_cell.angle_alpha   90.00
_cell.angle_beta   90.00
_cell.angle_gamma   90.00
#
_symmetry.space_group_name_H-M   'P 21 21 21'
#
loop_
_entity.id
_entity.type
_entity.pdbx_description
1 polymer 'NADPH OXIDASE'
2 non-polymer 'FLAVIN-ADENINE DINUCLEOTIDE'
3 non-polymer "ADENOSINE-5'-DIPHOSPHATE"
4 water water
#
_entity_poly.entity_id   1
_entity_poly.type   'polypeptide(L)'
_entity_poly.pdbx_seq_one_letter_code
;MKVIVVGCTHAGTFAVKQTIADHPDADVTAYEMNDNISFLS(CSX)GIALYLGKEIKNNDPRGLFYSSPEELSNLGANVQ
MRHQVTNVDPETKTIKVKDLITNEEKTEAYDKLIMTTGSKPTVPPIPGIDSSRVYLCKNYNDAKKLFEEAPKAKTITIIG
SGYIGAELAEAYSNQNYNVNLIDGHERVLYKYFDKEFTDILAKDYEAHGVNLVLGSKVAAFEEVDDEIITKTLDGKEIKS
DIAILCIGFRPNTELLKGKVAMLDNGAIITDEYMHSSNRDIFAAGDSAAVHYNPTNSNAYIPLATNAVRQGRLVGLNLTE
DKVKDMGTQSSSGLKLYGRTYVSTGINTALAKANNLKVSEVIIADNYRPEFMLSTDEVLMSLVYDPKTRVILGGALSSMH
DVSQSANVLSVCIQNKNTIDDLAMVDMLFQPQFDRPFNYLNILGQAAQAQADKAHK
;
_entity_poly.pdbx_strand_id   A,B
#
# COMPACT_ATOMS: atom_id res chain seq x y z
N MET A 1 -29.50 26.88 -14.81
CA MET A 1 -30.34 25.76 -15.27
C MET A 1 -30.79 25.01 -14.02
N LYS A 2 -31.96 24.37 -14.09
CA LYS A 2 -32.55 23.74 -12.92
C LYS A 2 -32.06 22.32 -12.72
N VAL A 3 -31.39 22.11 -11.61
CA VAL A 3 -30.84 20.80 -11.27
C VAL A 3 -31.56 20.25 -10.07
N ILE A 4 -32.12 19.04 -10.21
CA ILE A 4 -32.75 18.37 -9.08
C ILE A 4 -32.00 17.11 -8.69
N VAL A 5 -31.60 17.05 -7.42
CA VAL A 5 -30.92 15.89 -6.86
C VAL A 5 -31.94 15.14 -6.03
N VAL A 6 -32.06 13.84 -6.28
CA VAL A 6 -33.02 12.99 -5.57
C VAL A 6 -32.22 12.05 -4.68
N GLY A 7 -32.20 12.31 -3.40
CA GLY A 7 -31.45 11.52 -2.43
C GLY A 7 -30.12 12.12 -2.07
N CYS A 8 -29.84 12.19 -0.79
CA CYS A 8 -28.69 12.98 -0.32
C CYS A 8 -27.91 12.38 0.84
N THR A 9 -27.29 11.23 0.56
CA THR A 9 -26.25 10.69 1.42
C THR A 9 -24.94 10.79 0.66
N HIS A 10 -24.19 9.72 0.41
CA HIS A 10 -22.84 9.87 -0.19
C HIS A 10 -22.83 10.51 -1.58
N ALA A 11 -23.58 9.89 -2.51
CA ALA A 11 -23.53 10.26 -3.89
C ALA A 11 -24.18 11.61 -4.10
N GLY A 12 -25.33 11.83 -3.50
CA GLY A 12 -26.04 13.08 -3.62
C GLY A 12 -25.30 14.24 -2.98
N THR A 13 -24.67 14.01 -1.84
CA THR A 13 -23.89 15.10 -1.22
C THR A 13 -22.72 15.48 -2.13
N PHE A 14 -21.99 14.51 -2.66
CA PHE A 14 -20.87 14.85 -3.50
C PHE A 14 -21.34 15.54 -4.78
N ALA A 15 -22.46 15.08 -5.32
CA ALA A 15 -23.00 15.64 -6.54
C ALA A 15 -23.40 17.09 -6.36
N VAL A 16 -24.03 17.40 -5.23
CA VAL A 16 -24.46 18.75 -4.94
C VAL A 16 -23.26 19.68 -4.82
N LYS A 17 -22.26 19.28 -4.04
CA LYS A 17 -21.09 20.12 -3.79
C LYS A 17 -20.26 20.32 -5.05
N GLN A 18 -20.01 19.25 -5.79
CA GLN A 18 -19.23 19.36 -7.02
C GLN A 18 -19.95 20.15 -8.09
N THR A 19 -21.27 19.98 -8.14
CA THR A 19 -22.08 20.65 -9.14
C THR A 19 -21.98 22.15 -8.92
N ILE A 20 -22.23 22.57 -7.69
CA ILE A 20 -22.18 23.98 -7.33
C ILE A 20 -20.77 24.59 -7.49
N ALA A 21 -19.72 23.83 -7.17
CA ALA A 21 -18.34 24.35 -7.33
C ALA A 21 -17.98 24.59 -8.79
N ASP A 22 -18.49 23.75 -9.69
CA ASP A 22 -18.12 23.82 -11.09
C ASP A 22 -19.13 24.57 -11.96
N HIS A 23 -20.32 24.85 -11.42
CA HIS A 23 -21.44 25.37 -12.24
C HIS A 23 -22.18 26.41 -11.47
N PRO A 24 -21.65 27.64 -11.47
CA PRO A 24 -22.26 28.76 -10.74
C PRO A 24 -23.66 29.06 -11.24
N ASP A 25 -23.99 28.65 -12.45
CA ASP A 25 -25.33 28.86 -13.01
C ASP A 25 -26.32 27.73 -12.75
N ALA A 26 -25.91 26.75 -11.96
CA ALA A 26 -26.79 25.67 -11.57
C ALA A 26 -27.62 26.11 -10.38
N ASP A 27 -28.90 25.80 -10.46
CA ASP A 27 -29.82 26.13 -9.42
C ASP A 27 -30.34 24.83 -8.83
N VAL A 28 -29.82 24.48 -7.67
CA VAL A 28 -29.89 23.12 -7.18
C VAL A 28 -30.96 22.99 -6.12
N THR A 29 -31.87 22.03 -6.30
CA THR A 29 -32.79 21.61 -5.26
C THR A 29 -32.47 20.16 -4.91
N ALA A 30 -32.43 19.85 -3.63
CA ALA A 30 -32.16 18.51 -3.15
C ALA A 30 -33.37 17.98 -2.37
N TYR A 31 -33.94 16.88 -2.85
CA TYR A 31 -35.03 16.22 -2.14
C TYR A 31 -34.51 14.97 -1.45
N GLU A 32 -34.83 14.87 -0.17
CA GLU A 32 -34.48 13.71 0.65
C GLU A 32 -35.70 13.28 1.46
N MET A 33 -36.04 12.00 1.37
CA MET A 33 -37.24 11.50 2.05
C MET A 33 -37.08 11.37 3.54
N ASN A 34 -35.85 11.13 3.98
CA ASN A 34 -35.55 11.05 5.38
C ASN A 34 -35.50 12.42 6.04
N ASP A 35 -35.33 12.40 7.33
CA ASP A 35 -35.21 13.61 8.11
C ASP A 35 -33.77 14.03 8.39
N ASN A 36 -32.82 13.45 7.65
CA ASN A 36 -31.42 13.81 7.76
C ASN A 36 -30.73 13.53 6.46
N ILE A 37 -29.61 14.22 6.21
CA ILE A 37 -28.76 14.00 5.02
C ILE A 37 -27.30 13.75 5.45
N SER A 38 -26.52 13.22 4.53
CA SER A 38 -25.07 13.13 4.63
C SER A 38 -24.51 12.39 5.84
N PHE A 39 -25.14 11.27 6.18
CA PHE A 39 -24.68 10.43 7.27
C PHE A 39 -23.76 9.36 6.73
N LEU A 40 -22.73 9.00 7.47
CA LEU A 40 -21.80 7.96 7.08
C LEU A 40 -22.25 6.57 7.62
N SER A 41 -23.06 5.84 6.86
CA SER A 41 -23.53 4.51 7.29
C SER A 41 -22.38 3.56 7.56
N GLY A 43 -19.88 3.90 9.27
CA GLY A 43 -19.47 4.10 10.67
C GLY A 43 -20.40 3.47 11.67
N ILE A 44 -21.50 2.84 11.21
CA ILE A 44 -22.53 2.36 12.14
C ILE A 44 -21.99 1.24 13.08
N ALA A 45 -21.22 0.28 12.58
CA ALA A 45 -20.72 -0.82 13.41
C ALA A 45 -19.78 -0.27 14.51
N LEU A 46 -19.03 0.79 14.19
CA LEU A 46 -18.14 1.38 15.16
C LEU A 46 -18.93 2.19 16.21
N TYR A 47 -19.99 2.84 15.76
CA TYR A 47 -20.88 3.57 16.66
C TYR A 47 -21.54 2.56 17.60
N LEU A 48 -22.17 1.55 17.02
CA LEU A 48 -22.87 0.56 17.83
C LEU A 48 -21.92 -0.22 18.76
N GLY A 49 -20.67 -0.40 18.33
CA GLY A 49 -19.65 -1.04 19.13
C GLY A 49 -18.97 -0.15 20.17
N LYS A 50 -19.44 1.08 20.31
CA LYS A 50 -18.89 2.09 21.23
C LYS A 50 -17.39 2.31 21.01
N GLU A 51 -17.03 2.50 19.73
CA GLU A 51 -15.65 2.68 19.29
C GLU A 51 -15.51 3.95 18.46
N ILE A 52 -16.39 4.93 18.68
CA ILE A 52 -16.19 6.29 18.13
C ILE A 52 -16.15 7.28 19.28
N LYS A 53 -15.62 8.48 18.98
CA LYS A 53 -15.44 9.58 19.93
C LYS A 53 -16.73 9.94 20.62
N ASN A 54 -16.72 9.87 21.96
CA ASN A 54 -17.90 10.12 22.79
C ASN A 54 -19.13 9.31 22.43
N ASN A 55 -18.91 8.19 21.75
CA ASN A 55 -20.02 7.43 21.12
C ASN A 55 -21.08 8.29 20.47
N ASP A 56 -20.65 9.36 19.80
CA ASP A 56 -21.54 10.41 19.31
C ASP A 56 -21.69 10.30 17.80
N PRO A 57 -22.85 9.91 17.33
CA PRO A 57 -23.00 9.62 15.91
C PRO A 57 -23.10 10.92 15.08
N ARG A 58 -23.24 12.07 15.73
CA ARG A 58 -23.15 13.36 15.01
C ARG A 58 -21.79 13.55 14.34
N GLY A 59 -20.77 12.86 14.85
CA GLY A 59 -19.43 12.89 14.29
C GLY A 59 -19.32 12.09 12.99
N LEU A 60 -20.34 11.30 12.63
CA LEU A 60 -20.39 10.57 11.37
C LEU A 60 -21.01 11.35 10.21
N PHE A 61 -21.50 12.56 10.45
CA PHE A 61 -22.08 13.37 9.39
C PHE A 61 -21.00 14.21 8.71
N TYR A 62 -20.93 14.16 7.37
CA TYR A 62 -19.91 14.88 6.60
C TYR A 62 -20.47 16.13 5.94
N SER A 63 -21.77 16.36 6.06
CA SER A 63 -22.34 17.65 5.67
C SER A 63 -23.58 17.91 6.52
N SER A 64 -24.35 18.92 6.14
CA SER A 64 -25.54 19.31 6.89
C SER A 64 -26.46 20.16 6.00
N PRO A 65 -27.76 20.20 6.29
CA PRO A 65 -28.63 21.16 5.57
C PRO A 65 -28.06 22.59 5.58
N GLU A 66 -27.49 23.03 6.70
CA GLU A 66 -27.00 24.40 6.79
C GLU A 66 -25.84 24.59 5.80
N GLU A 67 -24.88 23.66 5.80
CA GLU A 67 -23.74 23.72 4.89
C GLU A 67 -24.15 23.78 3.42
N LEU A 68 -25.08 22.90 3.01
CA LEU A 68 -25.48 22.86 1.61
C LEU A 68 -26.30 24.12 1.27
N SER A 69 -27.09 24.62 2.24
CA SER A 69 -27.88 25.84 2.00
C SER A 69 -26.98 27.04 1.79
N ASN A 70 -25.96 27.18 2.62
CA ASN A 70 -24.96 28.25 2.48
C ASN A 70 -24.26 28.22 1.13
N LEU A 71 -24.13 27.04 0.52
CA LEU A 71 -23.61 26.94 -0.85
C LEU A 71 -24.61 27.37 -1.94
N GLY A 72 -25.86 27.55 -1.57
CA GLY A 72 -26.88 27.96 -2.51
C GLY A 72 -27.89 26.88 -2.82
N ALA A 73 -27.78 25.69 -2.22
CA ALA A 73 -28.76 24.62 -2.49
C ALA A 73 -30.06 24.87 -1.73
N ASN A 74 -31.16 24.52 -2.37
CA ASN A 74 -32.46 24.46 -1.74
C ASN A 74 -32.64 23.01 -1.26
N VAL A 75 -32.45 22.80 0.05
CA VAL A 75 -32.50 21.49 0.69
C VAL A 75 -33.90 21.24 1.19
N GLN A 76 -34.56 20.19 0.69
CA GLN A 76 -35.91 19.85 1.12
C GLN A 76 -35.97 18.42 1.69
N MET A 77 -35.81 18.32 3.01
CA MET A 77 -35.88 17.05 3.70
C MET A 77 -37.33 16.65 3.92
N ARG A 78 -37.53 15.39 4.27
CA ARG A 78 -38.85 14.81 4.41
C ARG A 78 -39.73 15.05 3.17
N HIS A 79 -39.12 14.92 2.00
CA HIS A 79 -39.80 15.02 0.74
C HIS A 79 -39.39 13.84 -0.10
N GLN A 80 -40.39 13.15 -0.64
CA GLN A 80 -40.19 11.96 -1.42
C GLN A 80 -40.58 12.22 -2.86
N VAL A 81 -39.65 11.97 -3.78
CA VAL A 81 -39.97 11.96 -5.20
C VAL A 81 -40.79 10.72 -5.47
N THR A 82 -42.01 10.92 -5.98
CA THR A 82 -42.95 9.81 -6.21
C THR A 82 -43.16 9.50 -7.68
N ASN A 83 -42.73 10.40 -8.56
CA ASN A 83 -42.81 10.19 -9.99
C ASN A 83 -41.73 10.95 -10.75
N VAL A 84 -41.21 10.33 -11.80
CA VAL A 84 -40.30 10.95 -12.76
C VAL A 84 -40.86 10.66 -14.15
N ASP A 85 -41.15 11.72 -14.90
CA ASP A 85 -41.68 11.58 -16.24
C ASP A 85 -40.73 12.23 -17.26
N PRO A 86 -39.82 11.43 -17.82
CA PRO A 86 -38.86 11.97 -18.80
C PRO A 86 -39.55 12.69 -19.98
N GLU A 87 -40.73 12.23 -20.38
CA GLU A 87 -41.50 12.78 -21.50
C GLU A 87 -41.94 14.22 -21.29
N THR A 88 -42.09 14.67 -20.05
CA THR A 88 -42.35 16.08 -19.78
C THR A 88 -41.24 16.78 -19.03
N LYS A 89 -40.16 16.07 -18.72
CA LYS A 89 -39.14 16.56 -17.77
C LYS A 89 -39.75 17.18 -16.51
N THR A 90 -40.61 16.41 -15.85
CA THR A 90 -41.17 16.78 -14.56
C THR A 90 -41.06 15.63 -13.57
N ILE A 91 -41.13 15.96 -12.30
CA ILE A 91 -41.21 14.99 -11.24
C ILE A 91 -42.39 15.37 -10.35
N LYS A 92 -42.84 14.40 -9.55
CA LYS A 92 -43.85 14.64 -8.53
C LYS A 92 -43.18 14.44 -7.18
N VAL A 93 -43.49 15.30 -6.22
CA VAL A 93 -42.82 15.28 -4.94
C VAL A 93 -43.84 15.39 -3.83
N LYS A 94 -43.86 14.42 -2.92
CA LYS A 94 -44.72 14.48 -1.74
C LYS A 94 -44.02 15.01 -0.52
N ASP A 95 -44.61 16.02 0.13
CA ASP A 95 -44.20 16.48 1.46
C ASP A 95 -44.67 15.42 2.45
N LEU A 96 -43.74 14.82 3.18
CA LEU A 96 -44.10 13.71 4.05
C LEU A 96 -44.68 14.19 5.38
N ILE A 97 -44.46 15.45 5.73
CA ILE A 97 -45.05 15.98 6.97
C ILE A 97 -46.51 16.40 6.77
N THR A 98 -46.88 16.83 5.57
CA THR A 98 -48.23 17.35 5.30
C THR A 98 -49.05 16.53 4.33
N ASN A 99 -48.43 15.57 3.65
CA ASN A 99 -49.04 14.79 2.55
C ASN A 99 -49.31 15.51 1.22
N GLU A 100 -48.95 16.78 1.09
CA GLU A 100 -49.17 17.52 -0.16
C GLU A 100 -48.20 17.14 -1.31
N GLU A 101 -48.70 17.08 -2.53
CA GLU A 101 -47.89 16.71 -3.68
C GLU A 101 -47.82 17.83 -4.69
N LYS A 102 -46.63 18.14 -5.18
CA LYS A 102 -46.51 19.11 -6.26
C LYS A 102 -45.60 18.63 -7.38
N THR A 103 -45.87 19.13 -8.57
CA THR A 103 -45.13 18.74 -9.76
C THR A 103 -44.20 19.88 -10.07
N GLU A 104 -42.99 19.55 -10.51
CA GLU A 104 -42.10 20.57 -11.00
C GLU A 104 -41.21 20.08 -12.13
N ALA A 105 -40.69 21.07 -12.85
CA ALA A 105 -39.83 20.84 -13.99
C ALA A 105 -38.38 20.67 -13.55
N TYR A 106 -37.62 19.95 -14.35
CA TYR A 106 -36.16 19.91 -14.21
C TYR A 106 -35.51 20.10 -15.57
N ASP A 107 -34.31 20.69 -15.57
CA ASP A 107 -33.41 20.65 -16.72
C ASP A 107 -32.46 19.43 -16.65
N LYS A 108 -31.88 19.24 -15.47
CA LYS A 108 -31.10 18.06 -15.16
C LYS A 108 -31.65 17.39 -13.91
N LEU A 109 -31.68 16.07 -13.96
CA LEU A 109 -32.08 15.24 -12.84
C LEU A 109 -30.95 14.31 -12.46
N ILE A 110 -30.66 14.23 -11.17
CA ILE A 110 -29.56 13.42 -10.65
C ILE A 110 -30.18 12.41 -9.68
N MET A 111 -30.14 11.16 -10.09
CA MET A 111 -30.74 10.06 -9.33
C MET A 111 -29.70 9.44 -8.40
N THR A 112 -29.70 9.91 -7.15
CA THR A 112 -28.82 9.39 -6.12
C THR A 112 -29.64 8.75 -4.98
N THR A 113 -30.58 7.92 -5.42
CA THR A 113 -31.59 7.32 -4.55
C THR A 113 -31.09 6.07 -3.82
N GLY A 114 -29.88 5.65 -4.16
CA GLY A 114 -29.19 4.58 -3.43
C GLY A 114 -29.86 3.23 -3.46
N SER A 115 -29.79 2.53 -2.34
CA SER A 115 -30.33 1.18 -2.16
C SER A 115 -31.31 1.08 -1.02
N LYS A 116 -32.15 0.06 -1.09
CA LYS A 116 -33.02 -0.28 0.01
C LYS A 116 -32.74 -1.71 0.48
N PRO A 117 -32.98 -1.98 1.77
CA PRO A 117 -32.67 -3.29 2.35
C PRO A 117 -33.55 -4.32 1.75
N THR A 118 -32.96 -5.49 1.49
CA THR A 118 -33.67 -6.65 0.98
C THR A 118 -34.43 -7.24 2.17
N VAL A 119 -35.74 -7.38 2.03
CA VAL A 119 -36.60 -7.95 3.05
C VAL A 119 -37.60 -8.94 2.37
N PRO A 120 -37.31 -10.23 2.45
CA PRO A 120 -38.15 -11.23 1.78
C PRO A 120 -39.37 -11.50 2.64
N PRO A 121 -40.37 -12.20 2.10
CA PRO A 121 -41.63 -12.43 2.81
C PRO A 121 -41.52 -13.63 3.77
N ILE A 122 -40.43 -13.64 4.52
CA ILE A 122 -40.21 -14.64 5.54
C ILE A 122 -41.23 -14.35 6.64
N PRO A 123 -42.01 -15.35 7.05
CA PRO A 123 -43.00 -15.11 8.12
C PRO A 123 -42.39 -14.56 9.40
N GLY A 124 -43.05 -13.59 10.01
CA GLY A 124 -42.56 -12.95 11.23
C GLY A 124 -41.46 -11.90 11.09
N ILE A 125 -40.96 -11.64 9.88
CA ILE A 125 -39.84 -10.71 9.68
C ILE A 125 -40.25 -9.28 10.03
N ASP A 126 -41.56 -9.09 10.10
CA ASP A 126 -42.29 -7.87 10.45
C ASP A 126 -42.21 -7.46 11.94
N SER A 127 -41.76 -8.38 12.79
CA SER A 127 -41.82 -8.21 14.24
C SER A 127 -41.07 -6.97 14.72
N SER A 128 -41.52 -6.36 15.82
CA SER A 128 -40.83 -5.19 16.36
C SER A 128 -39.47 -5.55 16.97
N ARG A 129 -39.21 -6.85 17.13
CA ARG A 129 -37.90 -7.28 17.59
C ARG A 129 -36.91 -7.58 16.45
N VAL A 130 -37.30 -7.27 15.21
CA VAL A 130 -36.43 -7.43 14.06
C VAL A 130 -36.04 -6.03 13.63
N TYR A 131 -34.74 -5.78 13.54
CA TYR A 131 -34.19 -4.47 13.26
C TYR A 131 -33.45 -4.48 11.93
N LEU A 132 -33.58 -3.40 11.17
CA LEU A 132 -32.76 -3.20 9.97
C LEU A 132 -31.53 -2.39 10.35
N CYS A 133 -30.55 -2.36 9.47
CA CYS A 133 -29.30 -1.66 9.74
C CYS A 133 -28.77 -1.03 8.45
N LYS A 134 -29.35 0.10 8.09
CA LYS A 134 -28.96 0.80 6.88
C LYS A 134 -28.53 2.21 7.15
N ASN A 135 -29.27 2.96 7.94
CA ASN A 135 -29.08 4.40 7.96
C ASN A 135 -29.02 4.94 9.39
N TYR A 136 -28.98 6.26 9.52
CA TYR A 136 -28.81 6.92 10.83
C TYR A 136 -29.94 6.49 11.77
N ASN A 137 -31.18 6.56 11.29
CA ASN A 137 -32.32 6.31 12.18
C ASN A 137 -32.34 4.82 12.64
N ASP A 138 -31.91 3.90 11.78
CA ASP A 138 -31.77 2.48 12.16
C ASP A 138 -30.72 2.29 13.23
N ALA A 139 -29.57 2.95 13.06
CA ALA A 139 -28.47 2.88 13.97
C ALA A 139 -28.83 3.48 15.34
N LYS A 140 -29.45 4.65 15.34
CA LYS A 140 -29.89 5.28 16.56
C LYS A 140 -30.82 4.38 17.34
N LYS A 141 -31.76 3.73 16.65
CA LYS A 141 -32.71 2.82 17.29
C LYS A 141 -31.98 1.65 17.95
N LEU A 142 -31.02 1.08 17.26
CA LEU A 142 -30.23 -0.03 17.83
C LEU A 142 -29.38 0.40 19.03
N PHE A 143 -28.79 1.58 18.95
CA PHE A 143 -28.01 2.10 20.05
C PHE A 143 -28.88 2.30 21.32
N GLU A 144 -30.12 2.72 21.13
CA GLU A 144 -31.09 2.94 22.22
C GLU A 144 -31.59 1.63 22.79
N GLU A 145 -31.78 0.64 21.93
CA GLU A 145 -32.60 -0.49 22.28
C GLU A 145 -31.79 -1.76 22.54
N ALA A 146 -30.64 -1.93 21.89
CA ALA A 146 -29.81 -3.11 22.15
C ALA A 146 -29.37 -3.32 23.59
N PRO A 147 -29.07 -2.28 24.36
CA PRO A 147 -28.66 -2.49 25.75
C PRO A 147 -29.72 -3.19 26.63
N LYS A 148 -30.98 -3.15 26.24
CA LYS A 148 -32.02 -3.91 26.91
C LYS A 148 -31.90 -5.43 26.67
N ALA A 149 -31.15 -5.85 25.65
CA ALA A 149 -31.02 -7.26 25.29
C ALA A 149 -29.81 -7.92 25.95
N LYS A 150 -29.95 -9.19 26.30
CA LYS A 150 -28.81 -10.04 26.67
C LYS A 150 -28.28 -10.81 25.44
N THR A 151 -29.13 -11.12 24.48
CA THR A 151 -28.77 -11.98 23.33
C THR A 151 -29.24 -11.30 22.04
N ILE A 152 -28.32 -11.16 21.07
CA ILE A 152 -28.60 -10.51 19.80
C ILE A 152 -28.36 -11.56 18.72
N THR A 153 -29.30 -11.75 17.84
CA THR A 153 -29.10 -12.56 16.61
C THR A 153 -28.88 -11.66 15.40
N ILE A 154 -27.85 -11.98 14.61
CA ILE A 154 -27.53 -11.24 13.40
C ILE A 154 -27.79 -12.21 12.26
N ILE A 155 -28.63 -11.81 11.31
CA ILE A 155 -28.95 -12.64 10.14
C ILE A 155 -28.22 -12.12 8.93
N GLY A 156 -27.36 -12.95 8.35
CA GLY A 156 -26.52 -12.54 7.26
C GLY A 156 -25.08 -12.26 7.64
N SER A 157 -24.15 -13.03 7.10
CA SER A 157 -22.74 -12.86 7.40
C SER A 157 -21.95 -12.32 6.23
N GLY A 158 -22.48 -11.33 5.53
CA GLY A 158 -21.70 -10.50 4.64
C GLY A 158 -20.95 -9.47 5.43
N TYR A 159 -20.50 -8.40 4.78
CA TYR A 159 -19.68 -7.39 5.42
C TYR A 159 -20.36 -6.76 6.65
N ILE A 160 -21.64 -6.39 6.53
CA ILE A 160 -22.29 -5.70 7.63
C ILE A 160 -22.52 -6.63 8.83
N GLY A 161 -23.08 -7.79 8.56
CA GLY A 161 -23.35 -8.77 9.60
C GLY A 161 -22.09 -9.17 10.37
N ALA A 162 -21.01 -9.43 9.65
CA ALA A 162 -19.71 -9.75 10.24
C ALA A 162 -19.17 -8.64 11.15
N GLU A 163 -19.29 -7.38 10.69
CA GLU A 163 -18.91 -6.24 11.50
C GLU A 163 -19.76 -6.13 12.74
N LEU A 164 -21.06 -6.33 12.63
CA LEU A 164 -21.97 -6.17 13.76
C LEU A 164 -21.73 -7.28 14.81
N ALA A 165 -21.49 -8.48 14.33
CA ALA A 165 -21.18 -9.61 15.26
C ALA A 165 -19.93 -9.34 16.08
N GLU A 166 -18.90 -8.81 15.43
CA GLU A 166 -17.69 -8.42 16.12
C GLU A 166 -17.97 -7.31 17.13
N ALA A 167 -18.64 -6.23 16.70
CA ALA A 167 -18.95 -5.10 17.58
C ALA A 167 -19.72 -5.49 18.86
N TYR A 168 -20.72 -6.35 18.72
CA TYR A 168 -21.51 -6.72 19.88
C TYR A 168 -20.78 -7.80 20.70
N SER A 169 -19.95 -8.62 20.06
CA SER A 169 -19.25 -9.67 20.81
C SER A 169 -18.22 -9.06 21.78
N ASN A 170 -17.74 -7.86 21.46
CA ASN A 170 -16.76 -7.17 22.29
C ASN A 170 -17.42 -6.38 23.42
N GLN A 171 -18.75 -6.32 23.48
CA GLN A 171 -19.47 -5.72 24.60
C GLN A 171 -20.17 -6.75 25.44
N ASN A 172 -19.79 -8.00 25.24
CA ASN A 172 -20.22 -9.08 26.13
C ASN A 172 -21.73 -9.36 26.07
N TYR A 173 -22.36 -9.07 24.94
CA TYR A 173 -23.64 -9.71 24.63
C TYR A 173 -23.37 -11.17 24.19
N ASN A 174 -24.33 -12.06 24.42
CA ASN A 174 -24.41 -13.30 23.64
C ASN A 174 -24.79 -12.95 22.21
N VAL A 175 -24.07 -13.48 21.23
CA VAL A 175 -24.31 -13.16 19.83
C VAL A 175 -24.39 -14.42 19.01
N ASN A 176 -25.46 -14.52 18.22
CA ASN A 176 -25.63 -15.53 17.20
C ASN A 176 -25.44 -14.90 15.83
N LEU A 177 -24.69 -15.56 14.94
CA LEU A 177 -24.53 -15.08 13.59
C LEU A 177 -24.99 -16.20 12.66
N ILE A 178 -26.07 -15.94 11.93
CA ILE A 178 -26.71 -16.92 11.07
C ILE A 178 -26.53 -16.60 9.63
N ASP A 179 -26.17 -17.58 8.82
CA ASP A 179 -26.09 -17.38 7.37
C ASP A 179 -26.38 -18.69 6.64
N GLY A 180 -26.92 -18.57 5.43
CA GLY A 180 -27.19 -19.71 4.58
C GLY A 180 -25.97 -20.42 4.02
N HIS A 181 -24.85 -19.70 3.91
CA HIS A 181 -23.61 -20.30 3.47
C HIS A 181 -22.92 -21.06 4.62
N GLU A 182 -22.01 -21.95 4.23
CA GLU A 182 -21.25 -22.78 5.14
C GLU A 182 -20.10 -22.01 5.77
N ARG A 183 -19.80 -20.83 5.24
CA ARG A 183 -18.70 -20.01 5.76
C ARG A 183 -19.13 -18.54 5.89
N VAL A 184 -18.64 -17.85 6.90
CA VAL A 184 -18.81 -16.40 6.99
C VAL A 184 -18.09 -15.74 5.82
N LEU A 185 -18.60 -14.61 5.36
CA LEU A 185 -18.01 -13.89 4.23
C LEU A 185 -17.75 -14.80 3.00
N TYR A 186 -18.64 -15.76 2.77
CA TYR A 186 -18.45 -16.77 1.72
C TYR A 186 -18.14 -16.13 0.35
N LYS A 187 -18.90 -15.11 -0.01
CA LYS A 187 -18.77 -14.46 -1.31
C LYS A 187 -17.52 -13.62 -1.46
N TYR A 188 -16.88 -13.29 -0.36
CA TYR A 188 -15.93 -12.21 -0.30
C TYR A 188 -14.47 -12.63 -0.10
N PHE A 189 -14.26 -13.78 0.56
CA PHE A 189 -12.92 -14.27 0.85
C PHE A 189 -12.88 -15.80 0.71
N ASP A 190 -11.71 -16.33 0.36
CA ASP A 190 -11.51 -17.79 0.30
C ASP A 190 -11.60 -18.38 1.68
N LYS A 191 -11.89 -19.67 1.75
CA LYS A 191 -11.94 -20.41 2.99
C LYS A 191 -10.74 -20.25 3.90
N GLU A 192 -9.55 -20.12 3.32
CA GLU A 192 -8.34 -20.02 4.10
C GLU A 192 -8.41 -18.77 4.99
N PHE A 193 -9.00 -17.68 4.48
CA PHE A 193 -9.21 -16.45 5.25
C PHE A 193 -10.37 -16.61 6.24
N THR A 194 -11.47 -17.22 5.80
CA THR A 194 -12.67 -17.23 6.62
C THR A 194 -12.60 -18.25 7.78
N ASP A 195 -11.67 -19.20 7.67
CA ASP A 195 -11.45 -20.20 8.75
C ASP A 195 -10.85 -19.48 9.93
N ILE A 196 -9.98 -18.51 9.64
CA ILE A 196 -9.34 -17.71 10.66
C ILE A 196 -10.39 -16.87 11.37
N LEU A 197 -11.22 -16.19 10.58
CA LEU A 197 -12.25 -15.34 11.16
C LEU A 197 -13.21 -16.14 12.03
N ALA A 198 -13.63 -17.30 11.55
CA ALA A 198 -14.56 -18.16 12.30
C ALA A 198 -14.03 -18.52 13.69
N LYS A 199 -12.74 -18.86 13.77
CA LYS A 199 -12.18 -19.25 15.08
C LYS A 199 -12.07 -18.04 16.01
N ASP A 200 -11.80 -16.87 15.44
CA ASP A 200 -11.83 -15.64 16.21
C ASP A 200 -13.25 -15.35 16.75
N TYR A 201 -14.26 -15.53 15.92
CA TYR A 201 -15.64 -15.33 16.39
C TYR A 201 -15.92 -16.24 17.58
N GLU A 202 -15.61 -17.49 17.37
CA GLU A 202 -15.81 -18.55 18.38
C GLU A 202 -15.06 -18.27 19.67
N ALA A 203 -13.84 -17.80 19.56
CA ALA A 203 -13.04 -17.46 20.74
C ALA A 203 -13.55 -16.23 21.49
N HIS A 204 -14.35 -15.39 20.83
CA HIS A 204 -15.09 -14.31 21.49
C HIS A 204 -16.59 -14.61 21.73
N GLY A 205 -16.95 -15.89 21.80
CA GLY A 205 -18.27 -16.27 22.27
C GLY A 205 -19.41 -16.23 21.25
N VAL A 206 -19.11 -15.82 20.02
CA VAL A 206 -20.09 -15.82 18.94
C VAL A 206 -20.44 -17.22 18.48
N ASN A 207 -21.74 -17.48 18.46
CA ASN A 207 -22.31 -18.72 18.01
C ASN A 207 -22.57 -18.61 16.52
N LEU A 208 -21.79 -19.35 15.73
CA LEU A 208 -21.96 -19.38 14.28
C LEU A 208 -22.97 -20.42 13.88
N VAL A 209 -24.03 -20.00 13.20
CA VAL A 209 -25.11 -20.90 12.79
C VAL A 209 -25.10 -20.82 11.26
N LEU A 210 -24.30 -21.70 10.67
CA LEU A 210 -24.00 -21.61 9.25
C LEU A 210 -24.55 -22.80 8.50
N GLY A 211 -24.95 -22.56 7.25
CA GLY A 211 -25.32 -23.62 6.32
C GLY A 211 -26.78 -23.76 5.99
N SER A 212 -27.63 -23.02 6.69
CA SER A 212 -29.06 -23.11 6.47
C SER A 212 -29.75 -21.74 6.58
N LYS A 213 -30.56 -21.38 5.59
CA LYS A 213 -31.25 -20.09 5.65
C LYS A 213 -32.34 -20.04 6.71
N VAL A 214 -32.57 -18.83 7.18
CA VAL A 214 -33.71 -18.52 8.05
C VAL A 214 -34.99 -18.66 7.23
N ALA A 215 -35.94 -19.38 7.81
CA ALA A 215 -37.23 -19.75 7.21
C ALA A 215 -38.39 -18.99 7.83
N ALA A 216 -38.22 -18.55 9.08
CA ALA A 216 -39.31 -17.96 9.86
C ALA A 216 -38.79 -17.34 11.14
N PHE A 217 -39.48 -16.31 11.61
CA PHE A 217 -39.28 -15.74 12.93
C PHE A 217 -40.59 -15.86 13.71
N GLU A 218 -40.50 -16.12 15.00
CA GLU A 218 -41.70 -16.13 15.85
C GLU A 218 -41.42 -15.35 17.11
N GLU A 219 -42.32 -14.45 17.45
CA GLU A 219 -42.18 -13.68 18.67
C GLU A 219 -42.91 -14.42 19.78
N VAL A 220 -42.22 -14.74 20.86
CA VAL A 220 -42.81 -15.39 22.02
C VAL A 220 -42.41 -14.67 23.28
N ASP A 221 -43.41 -14.22 24.07
CA ASP A 221 -43.16 -13.43 25.27
C ASP A 221 -42.40 -12.18 24.81
N ASP A 222 -41.27 -11.89 25.44
CA ASP A 222 -40.46 -10.73 25.04
C ASP A 222 -39.21 -11.16 24.26
N GLU A 223 -39.33 -12.24 23.48
CA GLU A 223 -38.20 -12.76 22.71
C GLU A 223 -38.58 -13.07 21.27
N ILE A 224 -37.56 -13.27 20.45
CA ILE A 224 -37.75 -13.66 19.07
C ILE A 224 -36.97 -14.97 18.81
N ILE A 225 -37.63 -15.91 18.16
CA ILE A 225 -37.04 -17.17 17.83
C ILE A 225 -36.85 -17.17 16.33
N THR A 226 -35.60 -17.37 15.91
CA THR A 226 -35.24 -17.42 14.51
C THR A 226 -35.09 -18.88 14.13
N LYS A 227 -35.78 -19.30 13.10
CA LYS A 227 -35.89 -20.70 12.75
C LYS A 227 -35.28 -20.95 11.38
N THR A 228 -34.27 -21.80 11.32
CA THR A 228 -33.67 -22.16 10.03
C THR A 228 -34.35 -23.35 9.36
N LEU A 229 -34.05 -23.50 8.07
CA LEU A 229 -34.59 -24.61 7.28
C LEU A 229 -34.24 -25.97 7.84
N ASP A 230 -33.06 -26.09 8.44
CA ASP A 230 -32.57 -27.37 8.94
C ASP A 230 -33.10 -27.75 10.34
N GLY A 231 -33.95 -26.92 10.90
CA GLY A 231 -34.63 -27.23 12.14
C GLY A 231 -34.04 -26.58 13.38
N LYS A 232 -33.06 -25.69 13.25
CA LYS A 232 -32.49 -25.04 14.42
C LYS A 232 -33.49 -23.98 14.83
N GLU A 233 -33.60 -23.73 16.14
CA GLU A 233 -34.41 -22.64 16.68
C GLU A 233 -33.53 -21.80 17.60
N ILE A 234 -33.25 -20.58 17.15
CA ILE A 234 -32.31 -19.72 17.83
C ILE A 234 -33.05 -18.59 18.57
N LYS A 235 -32.98 -18.63 19.90
CA LYS A 235 -33.69 -17.63 20.69
C LYS A 235 -32.80 -16.43 21.01
N SER A 236 -33.40 -15.25 20.93
CA SER A 236 -32.71 -14.00 21.25
C SER A 236 -33.71 -12.93 21.73
N ASP A 237 -33.21 -11.81 22.23
CA ASP A 237 -34.04 -10.69 22.61
C ASP A 237 -34.37 -9.84 21.37
N ILE A 238 -33.38 -9.67 20.50
CA ILE A 238 -33.57 -8.99 19.23
C ILE A 238 -32.82 -9.73 18.10
N ALA A 239 -33.24 -9.42 16.88
CA ALA A 239 -32.62 -9.89 15.65
C ALA A 239 -32.34 -8.69 14.74
N ILE A 240 -31.18 -8.72 14.07
CA ILE A 240 -30.82 -7.64 13.15
C ILE A 240 -30.65 -8.26 11.78
N LEU A 241 -31.37 -7.76 10.80
CA LEU A 241 -31.33 -8.25 9.42
C LEU A 241 -30.24 -7.58 8.60
N CYS A 242 -29.31 -8.38 8.09
CA CYS A 242 -28.18 -7.91 7.32
C CYS A 242 -28.01 -8.80 6.08
N ILE A 243 -29.06 -8.90 5.27
CA ILE A 243 -29.08 -9.80 4.14
C ILE A 243 -29.08 -9.08 2.81
N GLY A 244 -28.48 -7.89 2.80
CA GLY A 244 -28.16 -7.19 1.58
C GLY A 244 -29.14 -6.12 1.17
N PHE A 245 -28.86 -5.52 0.02
CA PHE A 245 -29.60 -4.36 -0.49
C PHE A 245 -29.94 -4.51 -1.97
N ARG A 246 -30.86 -3.70 -2.45
CA ARG A 246 -31.06 -3.66 -3.88
C ARG A 246 -31.27 -2.21 -4.32
N PRO A 247 -30.94 -1.93 -5.57
CA PRO A 247 -31.13 -0.56 -6.10
C PRO A 247 -32.53 0.03 -5.85
N ASN A 248 -32.59 1.28 -5.37
CA ASN A 248 -33.83 2.00 -5.06
C ASN A 248 -34.23 2.86 -6.24
N THR A 249 -34.80 2.20 -7.23
CA THR A 249 -34.78 2.67 -8.56
C THR A 249 -36.15 2.55 -9.28
N GLU A 250 -37.20 2.27 -8.52
CA GLU A 250 -38.55 2.07 -9.06
C GLU A 250 -39.02 3.29 -9.88
N LEU A 251 -38.65 4.50 -9.45
CA LEU A 251 -39.01 5.71 -10.21
C LEU A 251 -38.65 5.65 -11.69
N LEU A 252 -37.60 4.92 -12.04
CA LEU A 252 -37.20 4.82 -13.43
C LEU A 252 -37.30 3.45 -14.09
N LYS A 253 -37.92 2.49 -13.40
CA LYS A 253 -38.16 1.17 -13.97
C LYS A 253 -38.97 1.30 -15.25
N GLY A 254 -38.47 0.69 -16.32
CA GLY A 254 -39.07 0.80 -17.64
C GLY A 254 -38.80 2.10 -18.38
N LYS A 255 -38.05 3.02 -17.77
CA LYS A 255 -37.82 4.34 -18.39
C LYS A 255 -36.38 4.63 -18.82
N VAL A 256 -35.41 3.97 -18.18
CA VAL A 256 -34.02 4.01 -18.58
C VAL A 256 -33.43 2.61 -18.51
N ALA A 257 -32.36 2.37 -19.27
CA ALA A 257 -31.66 1.10 -19.28
C ALA A 257 -31.12 0.74 -17.88
N MET A 258 -31.41 -0.49 -17.45
CA MET A 258 -30.95 -1.00 -16.16
C MET A 258 -30.44 -2.44 -16.28
N LEU A 259 -29.62 -2.83 -15.29
CA LEU A 259 -29.34 -4.22 -15.00
C LEU A 259 -30.60 -4.92 -14.51
N ASP A 260 -30.58 -6.26 -14.49
CA ASP A 260 -31.73 -7.02 -13.99
C ASP A 260 -32.18 -6.65 -12.59
N ASN A 261 -31.25 -6.24 -11.73
CA ASN A 261 -31.62 -5.86 -10.38
C ASN A 261 -32.11 -4.43 -10.23
N GLY A 262 -32.20 -3.66 -11.31
CA GLY A 262 -32.60 -2.28 -11.22
C GLY A 262 -31.50 -1.22 -11.26
N ALA A 263 -30.23 -1.61 -11.30
CA ALA A 263 -29.14 -0.63 -11.31
C ALA A 263 -29.13 0.12 -12.63
N ILE A 264 -29.04 1.43 -12.56
CA ILE A 264 -29.13 2.27 -13.74
C ILE A 264 -27.80 2.26 -14.48
N ILE A 265 -27.83 1.81 -15.72
CA ILE A 265 -26.65 1.78 -16.56
C ILE A 265 -26.29 3.18 -17.03
N THR A 266 -25.03 3.56 -16.88
CA THR A 266 -24.57 4.85 -17.35
C THR A 266 -23.42 4.78 -18.32
N ASP A 267 -23.21 5.88 -19.03
CA ASP A 267 -22.03 5.95 -19.89
C ASP A 267 -20.85 6.45 -19.05
N GLU A 268 -19.74 6.81 -19.69
CA GLU A 268 -18.52 7.14 -18.92
C GLU A 268 -18.60 8.47 -18.22
N TYR A 269 -19.64 9.26 -18.51
CA TYR A 269 -19.82 10.58 -17.92
C TYR A 269 -21.02 10.64 -16.97
N MET A 270 -21.57 9.46 -16.65
CA MET A 270 -22.61 9.23 -15.67
C MET A 270 -24.04 9.55 -16.16
N HIS A 271 -24.20 9.71 -17.48
CA HIS A 271 -25.54 9.83 -18.05
C HIS A 271 -26.22 8.47 -18.14
N SER A 272 -27.48 8.42 -17.74
CA SER A 272 -28.36 7.30 -18.05
C SER A 272 -28.60 7.23 -19.56
N SER A 273 -29.42 6.29 -19.99
CA SER A 273 -29.91 6.26 -21.37
C SER A 273 -30.73 7.52 -21.74
N ASN A 274 -31.17 8.29 -20.74
CA ASN A 274 -31.76 9.60 -20.98
C ASN A 274 -30.72 10.66 -20.64
N ARG A 275 -30.33 11.41 -21.65
CA ARG A 275 -29.23 12.36 -21.55
C ARG A 275 -29.30 13.31 -20.35
N ASP A 276 -30.49 13.70 -19.92
CA ASP A 276 -30.65 14.67 -18.86
C ASP A 276 -30.88 14.06 -17.48
N ILE A 277 -30.80 12.74 -17.38
CA ILE A 277 -30.91 12.05 -16.11
C ILE A 277 -29.57 11.31 -15.85
N PHE A 278 -28.88 11.73 -14.81
CA PHE A 278 -27.64 11.11 -14.36
C PHE A 278 -27.98 10.13 -13.23
N ALA A 279 -27.07 9.19 -13.01
CA ALA A 279 -27.16 8.26 -11.87
C ALA A 279 -25.77 8.10 -11.25
N ALA A 280 -25.73 7.97 -9.93
CA ALA A 280 -24.48 7.80 -9.17
C ALA A 280 -24.78 7.12 -7.84
N GLY A 281 -23.87 6.26 -7.41
CA GLY A 281 -24.03 5.49 -6.20
C GLY A 281 -24.79 4.21 -6.32
N ASP A 282 -25.45 3.82 -5.23
CA ASP A 282 -26.10 2.52 -5.16
C ASP A 282 -27.29 2.39 -6.08
N SER A 283 -27.74 3.48 -6.71
CA SER A 283 -28.78 3.44 -7.72
C SER A 283 -28.24 2.98 -9.09
N ALA A 284 -26.92 3.01 -9.25
CA ALA A 284 -26.23 2.84 -10.51
C ALA A 284 -25.34 1.60 -10.55
N ALA A 285 -25.13 1.13 -11.78
CA ALA A 285 -24.13 0.13 -12.09
C ALA A 285 -22.79 0.82 -12.17
N VAL A 286 -21.72 0.12 -11.79
CA VAL A 286 -20.36 0.55 -12.08
C VAL A 286 -19.78 -0.07 -13.35
N HIS A 287 -18.77 0.55 -13.90
CA HIS A 287 -17.93 -0.08 -14.87
C HIS A 287 -16.86 -0.85 -14.12
N TYR A 288 -16.99 -2.18 -14.18
CA TYR A 288 -16.14 -3.11 -13.45
C TYR A 288 -14.94 -3.50 -14.30
N ASN A 289 -13.74 -3.05 -13.92
CA ASN A 289 -12.58 -3.24 -14.77
C ASN A 289 -12.15 -4.69 -14.97
N PRO A 290 -12.20 -5.54 -13.95
CA PRO A 290 -11.74 -6.93 -14.13
C PRO A 290 -12.52 -7.70 -15.21
N THR A 291 -13.81 -7.42 -15.41
CA THR A 291 -14.59 -8.07 -16.49
C THR A 291 -14.90 -7.09 -17.62
N ASN A 292 -14.43 -5.85 -17.50
CA ASN A 292 -14.70 -4.82 -18.48
C ASN A 292 -16.19 -4.65 -18.87
N SER A 293 -17.07 -4.80 -17.87
CA SER A 293 -18.51 -4.79 -18.07
C SER A 293 -19.22 -4.08 -16.91
N ASN A 294 -20.53 -3.88 -17.04
CA ASN A 294 -21.32 -3.27 -15.97
C ASN A 294 -21.62 -4.26 -14.87
N ALA A 295 -21.53 -3.82 -13.63
CA ALA A 295 -21.81 -4.66 -12.49
C ALA A 295 -22.41 -3.80 -11.38
N TYR A 296 -22.96 -4.43 -10.37
CA TYR A 296 -23.49 -3.75 -9.22
C TYR A 296 -22.55 -3.98 -8.07
N ILE A 297 -21.84 -2.92 -7.69
CA ILE A 297 -20.88 -2.95 -6.58
C ILE A 297 -21.24 -1.80 -5.68
N PRO A 298 -22.20 -2.01 -4.77
CA PRO A 298 -22.69 -0.90 -3.94
C PRO A 298 -21.75 -0.57 -2.79
N LEU A 299 -20.79 0.31 -3.08
CA LEU A 299 -19.83 0.74 -2.07
C LEU A 299 -19.74 2.27 -2.06
N ALA A 300 -19.44 2.82 -0.89
CA ALA A 300 -19.23 4.25 -0.71
C ALA A 300 -18.20 4.80 -1.65
N THR A 301 -17.18 3.99 -1.95
CA THR A 301 -16.11 4.46 -2.82
C THR A 301 -16.63 4.82 -4.19
N ASN A 302 -17.57 4.02 -4.68
CA ASN A 302 -18.24 4.28 -5.95
C ASN A 302 -19.21 5.44 -5.94
N ALA A 303 -19.88 5.60 -4.80
CA ALA A 303 -20.78 6.70 -4.59
C ALA A 303 -20.08 8.06 -4.62
N VAL A 304 -18.98 8.19 -3.89
CA VAL A 304 -18.24 9.44 -3.90
C VAL A 304 -17.60 9.70 -5.28
N ARG A 305 -17.11 8.68 -5.96
CA ARG A 305 -16.50 8.85 -7.27
C ARG A 305 -17.55 9.24 -8.32
N GLN A 306 -18.64 8.50 -8.37
CA GLN A 306 -19.71 8.79 -9.29
C GLN A 306 -20.39 10.12 -9.02
N GLY A 307 -20.59 10.48 -7.77
CA GLY A 307 -21.13 11.80 -7.46
C GLY A 307 -20.25 12.93 -7.93
N ARG A 308 -18.95 12.75 -7.77
CA ARG A 308 -17.99 13.76 -8.23
C ARG A 308 -18.05 13.89 -9.75
N LEU A 309 -18.14 12.76 -10.44
CA LEU A 309 -18.23 12.76 -11.90
C LEU A 309 -19.50 13.41 -12.44
N VAL A 310 -20.61 13.23 -11.73
CA VAL A 310 -21.85 13.92 -12.11
C VAL A 310 -21.60 15.42 -12.10
N GLY A 311 -21.05 15.96 -11.02
CA GLY A 311 -20.76 17.38 -10.94
C GLY A 311 -19.76 17.85 -11.99
N LEU A 312 -18.71 17.09 -12.21
CA LEU A 312 -17.74 17.42 -13.26
C LEU A 312 -18.36 17.42 -14.69
N ASN A 313 -19.28 16.50 -14.94
CA ASN A 313 -19.81 16.30 -16.29
C ASN A 313 -21.22 16.86 -16.51
N LEU A 314 -21.66 17.76 -15.65
CA LEU A 314 -23.07 18.14 -15.63
C LEU A 314 -23.52 18.74 -16.97
N THR A 315 -22.68 19.59 -17.55
CA THR A 315 -23.02 20.24 -18.82
C THR A 315 -22.17 19.82 -20.02
N GLU A 316 -20.97 19.29 -19.79
CA GLU A 316 -20.03 18.90 -20.84
C GLU A 316 -19.42 17.54 -20.47
N ASP A 317 -19.16 16.70 -21.47
CA ASP A 317 -18.49 15.44 -21.24
C ASP A 317 -17.01 15.70 -21.06
N LYS A 318 -16.60 15.95 -19.81
CA LYS A 318 -15.25 16.46 -19.47
C LYS A 318 -14.27 15.42 -18.93
N VAL A 319 -14.77 14.54 -18.06
CA VAL A 319 -13.93 13.57 -17.35
C VAL A 319 -14.54 12.18 -17.38
N LYS A 320 -13.84 11.24 -18.02
CA LYS A 320 -14.30 9.84 -18.08
C LYS A 320 -14.09 9.07 -16.76
N ASP A 321 -15.08 8.27 -16.42
CA ASP A 321 -14.97 7.30 -15.35
C ASP A 321 -13.81 6.36 -15.67
N MET A 322 -12.95 6.11 -14.68
CA MET A 322 -11.85 5.14 -14.80
C MET A 322 -12.33 3.71 -14.48
N GLY A 323 -13.56 3.60 -14.02
CA GLY A 323 -14.10 2.33 -13.56
C GLY A 323 -13.62 1.99 -12.16
N THR A 324 -13.92 0.76 -11.74
CA THR A 324 -13.58 0.31 -10.41
C THR A 324 -13.27 -1.18 -10.33
N GLN A 325 -12.72 -1.55 -9.19
CA GLN A 325 -12.19 -2.87 -8.90
C GLN A 325 -12.83 -3.56 -7.71
N SER A 326 -13.85 -2.99 -7.10
CA SER A 326 -14.46 -3.57 -5.89
C SER A 326 -13.47 -3.70 -4.71
N SER A 327 -12.61 -2.72 -4.51
CA SER A 327 -11.64 -2.75 -3.41
C SER A 327 -12.41 -2.54 -2.09
N SER A 328 -12.22 -3.44 -1.13
CA SER A 328 -12.96 -3.38 0.13
C SER A 328 -12.18 -4.02 1.27
N GLY A 329 -12.53 -3.70 2.49
CA GLY A 329 -11.81 -4.22 3.62
C GLY A 329 -12.54 -4.12 4.94
N LEU A 330 -12.11 -4.93 5.89
CA LEU A 330 -12.59 -4.96 7.28
C LEU A 330 -11.41 -5.11 8.21
N LYS A 331 -11.55 -4.66 9.44
CA LYS A 331 -10.65 -5.04 10.53
C LYS A 331 -11.50 -5.65 11.64
N LEU A 332 -11.29 -6.93 11.93
CA LEU A 332 -12.13 -7.68 12.85
C LEU A 332 -11.22 -8.36 13.88
N TYR A 333 -11.44 -8.04 15.15
CA TYR A 333 -10.61 -8.53 16.25
C TYR A 333 -9.13 -8.17 16.04
N GLY A 334 -8.86 -6.96 15.54
CA GLY A 334 -7.51 -6.54 15.23
C GLY A 334 -6.87 -7.07 13.94
N ARG A 335 -7.53 -7.96 13.24
CA ARG A 335 -7.03 -8.55 12.02
C ARG A 335 -7.63 -7.85 10.81
N THR A 336 -6.73 -7.48 9.90
CA THR A 336 -7.08 -6.86 8.64
C THR A 336 -7.43 -7.91 7.59
N TYR A 337 -8.56 -7.72 6.92
CA TYR A 337 -8.95 -8.53 5.77
C TYR A 337 -9.28 -7.57 4.64
N VAL A 338 -8.51 -7.62 3.54
CA VAL A 338 -8.76 -6.74 2.38
C VAL A 338 -8.77 -7.50 1.10
N SER A 339 -9.54 -6.98 0.13
CA SER A 339 -9.70 -7.61 -1.16
C SER A 339 -9.81 -6.58 -2.27
N THR A 340 -9.37 -6.93 -3.47
CA THR A 340 -9.70 -6.12 -4.63
C THR A 340 -9.96 -7.10 -5.79
N GLY A 341 -10.78 -6.68 -6.72
CA GLY A 341 -10.99 -7.40 -7.96
C GLY A 341 -11.80 -8.64 -7.72
N ILE A 342 -11.63 -9.61 -8.60
CA ILE A 342 -12.40 -10.84 -8.62
C ILE A 342 -11.89 -11.82 -7.60
N ASN A 343 -12.78 -12.66 -7.07
CA ASN A 343 -12.32 -13.82 -6.30
C ASN A 343 -12.77 -15.12 -6.96
N THR A 344 -12.35 -16.27 -6.44
CA THR A 344 -12.63 -17.55 -7.13
C THR A 344 -14.11 -17.90 -6.99
N ALA A 345 -14.70 -17.63 -5.83
CA ALA A 345 -16.13 -17.82 -5.61
C ALA A 345 -16.98 -17.05 -6.63
N LEU A 346 -16.54 -15.85 -7.00
CA LEU A 346 -17.28 -14.99 -7.92
C LEU A 346 -17.07 -15.46 -9.35
N ALA A 347 -15.85 -15.85 -9.67
CA ALA A 347 -15.56 -16.38 -11.00
C ALA A 347 -16.39 -17.65 -11.26
N LYS A 348 -16.48 -18.52 -10.26
CA LYS A 348 -17.19 -19.80 -10.34
C LYS A 348 -18.70 -19.59 -10.50
N ALA A 349 -19.23 -18.51 -9.92
CA ALA A 349 -20.63 -18.12 -10.09
C ALA A 349 -20.93 -17.63 -11.53
N ASN A 350 -19.99 -16.91 -12.15
CA ASN A 350 -20.15 -16.36 -13.49
C ASN A 350 -19.42 -17.13 -14.58
N ASN A 351 -19.06 -18.38 -14.30
CA ASN A 351 -18.42 -19.27 -15.29
C ASN A 351 -17.09 -18.74 -15.85
N LEU A 352 -16.42 -17.86 -15.09
CA LEU A 352 -15.14 -17.29 -15.52
C LEU A 352 -14.01 -18.24 -15.16
N LYS A 353 -13.13 -18.50 -16.13
CA LYS A 353 -11.96 -19.34 -15.91
C LYS A 353 -10.76 -18.50 -15.47
N VAL A 354 -10.37 -18.69 -14.21
CA VAL A 354 -9.21 -18.01 -13.66
C VAL A 354 -8.27 -18.99 -13.00
N SER A 355 -7.07 -18.50 -12.73
CA SER A 355 -6.12 -19.19 -11.88
C SER A 355 -5.95 -18.36 -10.60
N GLU A 356 -5.53 -19.04 -9.55
CA GLU A 356 -5.27 -18.41 -8.27
C GLU A 356 -4.18 -19.13 -7.53
N VAL A 357 -3.29 -18.35 -6.91
CA VAL A 357 -2.34 -18.87 -5.95
C VAL A 357 -2.66 -18.27 -4.57
N ILE A 358 -2.39 -19.04 -3.54
CA ILE A 358 -2.55 -18.63 -2.16
C ILE A 358 -1.29 -19.01 -1.40
N ILE A 359 -0.65 -18.04 -0.75
CA ILE A 359 0.57 -18.27 0.00
C ILE A 359 0.51 -17.50 1.29
N ALA A 360 1.41 -17.83 2.21
CA ALA A 360 1.49 -17.12 3.47
C ALA A 360 2.97 -16.89 3.75
N ASP A 361 3.31 -15.71 4.19
CA ASP A 361 4.68 -15.40 4.55
C ASP A 361 4.68 -14.41 5.70
N ASN A 362 5.72 -14.43 6.52
CA ASN A 362 5.88 -13.33 7.46
C ASN A 362 6.07 -12.06 6.68
N TYR A 363 5.46 -10.95 7.12
CA TYR A 363 5.55 -9.73 6.33
C TYR A 363 6.93 -9.11 6.41
N ARG A 364 7.63 -9.30 7.52
CA ARG A 364 9.00 -8.84 7.67
C ARG A 364 9.84 -9.91 8.32
N PRO A 365 11.15 -9.75 8.27
CA PRO A 365 12.04 -10.84 8.66
C PRO A 365 11.89 -11.32 10.09
N GLU A 366 12.21 -12.59 10.23
CA GLU A 366 12.14 -13.33 11.47
C GLU A 366 13.16 -12.87 12.51
N PHE A 367 14.22 -12.16 12.11
CA PHE A 367 15.15 -11.57 13.11
C PHE A 367 14.61 -10.35 13.83
N MET A 368 13.52 -9.79 13.34
CA MET A 368 12.88 -8.68 14.05
C MET A 368 12.27 -9.15 15.37
N LEU A 369 12.11 -8.22 16.31
CA LEU A 369 11.58 -8.58 17.64
C LEU A 369 10.17 -9.14 17.52
N SER A 370 9.46 -8.76 16.47
CA SER A 370 8.17 -9.35 16.17
C SER A 370 7.88 -9.27 14.67
N THR A 371 7.07 -10.19 14.20
CA THR A 371 6.55 -10.13 12.83
C THR A 371 5.22 -10.86 12.82
N ASP A 372 4.51 -10.83 11.72
CA ASP A 372 3.19 -11.45 11.63
C ASP A 372 3.05 -12.05 10.28
N GLU A 373 2.38 -13.18 10.20
CA GLU A 373 2.08 -13.79 8.93
C GLU A 373 1.12 -12.89 8.14
N VAL A 374 1.31 -12.86 6.83
CA VAL A 374 0.34 -12.27 5.93
C VAL A 374 -0.06 -13.36 4.96
N LEU A 375 -1.36 -13.61 4.95
CA LEU A 375 -1.98 -14.58 4.10
C LEU A 375 -2.40 -13.86 2.86
N MET A 376 -2.09 -14.37 1.69
CA MET A 376 -2.32 -13.64 0.47
C MET A 376 -2.86 -14.54 -0.66
N SER A 377 -3.75 -14.00 -1.49
CA SER A 377 -4.24 -14.67 -2.70
C SER A 377 -4.14 -13.74 -3.88
N LEU A 378 -3.85 -14.30 -5.06
CA LEU A 378 -3.80 -13.54 -6.30
C LEU A 378 -4.55 -14.36 -7.34
N VAL A 379 -5.51 -13.71 -7.98
CA VAL A 379 -6.30 -14.26 -9.09
C VAL A 379 -5.84 -13.61 -10.38
N TYR A 380 -5.65 -14.41 -11.43
CA TYR A 380 -5.14 -13.88 -12.67
C TYR A 380 -5.68 -14.70 -13.87
N ASP A 381 -5.61 -14.11 -15.04
CA ASP A 381 -6.14 -14.68 -16.27
C ASP A 381 -5.11 -15.68 -16.80
N PRO A 382 -5.44 -16.98 -16.90
CA PRO A 382 -4.45 -17.95 -17.36
C PRO A 382 -3.89 -17.71 -18.77
N LYS A 383 -4.60 -17.00 -19.63
CA LYS A 383 -4.12 -16.74 -21.00
C LYS A 383 -3.26 -15.48 -21.14
N THR A 384 -3.53 -14.43 -20.40
CA THR A 384 -2.79 -13.18 -20.56
C THR A 384 -1.88 -12.90 -19.39
N ARG A 385 -2.02 -13.71 -18.35
CA ARG A 385 -1.35 -13.49 -17.05
C ARG A 385 -1.72 -12.16 -16.34
N VAL A 386 -2.81 -11.54 -16.77
CA VAL A 386 -3.23 -10.25 -16.20
C VAL A 386 -3.86 -10.47 -14.79
N ILE A 387 -3.52 -9.62 -13.84
CA ILE A 387 -4.09 -9.66 -12.52
C ILE A 387 -5.57 -9.23 -12.56
N LEU A 388 -6.41 -10.08 -11.99
CA LEU A 388 -7.86 -9.89 -11.89
C LEU A 388 -8.37 -9.62 -10.47
N GLY A 389 -7.61 -10.02 -9.46
CA GLY A 389 -8.02 -9.83 -8.08
C GLY A 389 -6.96 -10.30 -7.10
N GLY A 390 -7.14 -9.95 -5.84
CA GLY A 390 -6.28 -10.42 -4.79
C GLY A 390 -6.84 -10.10 -3.43
N ALA A 391 -6.28 -10.74 -2.41
CA ALA A 391 -6.70 -10.53 -1.03
C ALA A 391 -5.54 -10.71 -0.08
N LEU A 392 -5.59 -9.99 1.03
CA LEU A 392 -4.58 -10.14 2.07
C LEU A 392 -5.23 -10.08 3.46
N SER A 393 -4.62 -10.80 4.39
CA SER A 393 -5.01 -10.72 5.79
C SER A 393 -3.80 -10.88 6.70
N SER A 394 -3.76 -10.08 7.74
CA SER A 394 -2.67 -10.13 8.70
C SER A 394 -3.11 -9.36 9.94
N MET A 395 -2.50 -9.67 11.07
CA MET A 395 -2.64 -8.83 12.26
C MET A 395 -1.96 -7.46 12.03
N HIS A 396 -0.98 -7.41 11.14
CA HIS A 396 -0.41 -6.14 10.73
C HIS A 396 -1.34 -5.55 9.69
N ASP A 397 -1.52 -4.23 9.75
CA ASP A 397 -2.37 -3.51 8.82
C ASP A 397 -1.76 -3.42 7.42
N VAL A 398 -2.12 -4.42 6.63
CA VAL A 398 -1.66 -4.53 5.24
C VAL A 398 -2.68 -3.97 4.24
N SER A 399 -3.60 -3.13 4.71
CA SER A 399 -4.72 -2.66 3.89
C SER A 399 -4.30 -1.91 2.63
N GLN A 400 -3.25 -1.11 2.73
CA GLN A 400 -2.84 -0.27 1.62
C GLN A 400 -2.24 -1.18 0.50
N SER A 401 -1.84 -2.41 0.84
CA SER A 401 -1.38 -3.38 -0.21
C SER A 401 -2.51 -3.77 -1.15
N ALA A 402 -3.75 -3.75 -0.67
CA ALA A 402 -4.89 -4.02 -1.56
C ALA A 402 -5.04 -2.89 -2.58
N ASN A 403 -4.73 -1.67 -2.17
CA ASN A 403 -4.68 -0.54 -3.09
C ASN A 403 -3.52 -0.57 -4.09
N VAL A 404 -2.39 -1.16 -3.71
CA VAL A 404 -1.35 -1.45 -4.69
C VAL A 404 -1.94 -2.36 -5.75
N LEU A 405 -2.60 -3.43 -5.35
CA LEU A 405 -3.17 -4.38 -6.33
C LEU A 405 -4.26 -3.71 -7.20
N SER A 406 -5.07 -2.85 -6.60
CA SER A 406 -6.05 -2.08 -7.35
C SER A 406 -5.40 -1.30 -8.48
N VAL A 407 -4.28 -0.65 -8.21
CA VAL A 407 -3.61 0.14 -9.23
C VAL A 407 -3.01 -0.77 -10.31
N CYS A 408 -2.54 -1.95 -9.92
CA CYS A 408 -2.12 -2.98 -10.90
C CYS A 408 -3.29 -3.41 -11.82
N ILE A 409 -4.48 -3.58 -11.24
CA ILE A 409 -5.61 -4.04 -12.03
C ILE A 409 -6.00 -2.94 -13.00
N GLN A 410 -6.02 -1.70 -12.50
CA GLN A 410 -6.35 -0.50 -13.28
C GLN A 410 -5.56 -0.50 -14.57
N ASN A 411 -4.26 -0.78 -14.45
CA ASN A 411 -3.29 -0.70 -15.53
C ASN A 411 -3.11 -2.01 -16.30
N LYS A 412 -3.95 -3.00 -16.00
CA LYS A 412 -3.87 -4.36 -16.59
C LYS A 412 -2.48 -4.95 -16.45
N ASN A 413 -1.84 -4.70 -15.31
CA ASN A 413 -0.52 -5.27 -15.08
C ASN A 413 -0.61 -6.79 -14.90
N THR A 414 0.48 -7.48 -15.28
CA THR A 414 0.53 -8.92 -15.16
C THR A 414 1.17 -9.42 -13.88
N ILE A 415 1.05 -10.71 -13.64
CA ILE A 415 1.76 -11.31 -12.53
C ILE A 415 3.29 -11.05 -12.60
N ASP A 416 3.81 -10.92 -13.80
CA ASP A 416 5.23 -10.74 -14.03
C ASP A 416 5.63 -9.32 -13.69
N ASP A 417 4.73 -8.38 -13.94
CA ASP A 417 4.94 -6.99 -13.51
C ASP A 417 4.95 -6.96 -11.98
N LEU A 418 3.99 -7.65 -11.35
CA LEU A 418 3.88 -7.60 -9.87
C LEU A 418 5.12 -8.24 -9.24
N ALA A 419 5.66 -9.25 -9.89
CA ALA A 419 6.81 -10.00 -9.37
C ALA A 419 8.08 -9.17 -9.19
N MET A 420 8.23 -8.13 -9.99
CA MET A 420 9.49 -7.41 -10.08
C MET A 420 9.36 -5.92 -9.90
N VAL A 421 8.13 -5.36 -9.88
CA VAL A 421 8.01 -3.91 -9.80
C VAL A 421 8.70 -3.41 -8.50
N ASP A 422 9.31 -2.25 -8.58
CA ASP A 422 10.07 -1.66 -7.49
C ASP A 422 9.11 -1.39 -6.32
N MET A 423 9.48 -1.88 -5.14
CA MET A 423 8.80 -1.59 -3.88
C MET A 423 9.89 -1.46 -2.83
N LEU A 424 9.66 -0.71 -1.77
CA LEU A 424 10.76 -0.36 -0.90
C LEU A 424 11.11 -1.52 0.00
N PHE A 425 12.37 -1.52 0.46
CA PHE A 425 12.82 -2.48 1.49
C PHE A 425 13.41 -1.71 2.67
N GLN A 426 12.87 -1.96 3.83
CA GLN A 426 13.55 -1.68 5.10
C GLN A 426 13.05 -2.76 6.03
N PRO A 427 13.91 -3.43 6.80
CA PRO A 427 13.45 -4.58 7.62
C PRO A 427 12.30 -4.30 8.63
N GLN A 428 12.10 -3.06 8.99
CA GLN A 428 10.92 -2.68 9.77
C GLN A 428 9.58 -2.87 9.02
N PHE A 429 9.65 -2.97 7.70
CA PHE A 429 8.46 -2.99 6.84
C PHE A 429 8.29 -4.29 6.10
N ASP A 430 9.39 -4.86 5.62
CA ASP A 430 9.32 -5.99 4.75
C ASP A 430 10.66 -6.69 4.55
N ARG A 431 10.62 -7.75 3.75
CA ARG A 431 11.82 -8.42 3.22
C ARG A 431 12.37 -7.68 1.99
N PRO A 432 13.59 -8.01 1.54
CA PRO A 432 14.17 -7.37 0.35
C PRO A 432 13.20 -7.31 -0.86
N PHE A 433 12.50 -8.41 -1.14
CA PHE A 433 11.31 -8.38 -1.99
C PHE A 433 10.10 -8.18 -1.04
N ASN A 434 9.24 -7.23 -1.35
CA ASN A 434 7.98 -7.04 -0.63
C ASN A 434 7.10 -8.29 -0.78
N TYR A 435 6.26 -8.53 0.21
CA TYR A 435 5.32 -9.67 0.19
C TYR A 435 4.43 -9.70 -1.06
N LEU A 436 4.13 -8.55 -1.62
CA LEU A 436 3.38 -8.49 -2.89
C LEU A 436 4.22 -8.99 -4.07
N ASN A 437 5.51 -8.63 -4.12
CA ASN A 437 6.46 -9.16 -5.11
C ASN A 437 6.51 -10.70 -4.96
N ILE A 438 6.63 -11.16 -3.74
CA ILE A 438 6.69 -12.59 -3.42
C ILE A 438 5.40 -13.25 -3.92
N LEU A 439 4.28 -12.58 -3.71
CA LEU A 439 3.01 -13.06 -4.26
C LEU A 439 3.03 -13.24 -5.79
N GLY A 440 3.45 -12.21 -6.51
CA GLY A 440 3.57 -12.29 -7.95
C GLY A 440 4.52 -13.39 -8.42
N GLN A 441 5.59 -13.60 -7.67
CA GLN A 441 6.57 -14.65 -8.00
C GLN A 441 5.96 -16.02 -7.83
N ALA A 442 5.14 -16.17 -6.81
CA ALA A 442 4.41 -17.44 -6.59
C ALA A 442 3.42 -17.70 -7.72
N ALA A 443 2.75 -16.64 -8.20
CA ALA A 443 1.81 -16.75 -9.29
C ALA A 443 2.56 -17.13 -10.57
N GLN A 444 3.70 -16.49 -10.82
CA GLN A 444 4.57 -16.86 -11.95
C GLN A 444 4.95 -18.34 -11.93
N ALA A 445 5.40 -18.82 -10.78
CA ALA A 445 5.80 -20.20 -10.64
C ALA A 445 4.66 -21.15 -10.97
N GLN A 446 3.48 -20.84 -10.46
CA GLN A 446 2.31 -21.64 -10.76
C GLN A 446 1.96 -21.64 -12.25
N ALA A 447 2.03 -20.48 -12.90
CA ALA A 447 1.57 -20.34 -14.26
C ALA A 447 2.52 -21.04 -15.21
N ASP A 448 3.80 -20.98 -14.86
CA ASP A 448 4.86 -21.53 -15.67
C ASP A 448 4.77 -23.05 -15.65
N LYS A 449 4.55 -23.64 -14.48
CA LYS A 449 4.44 -25.10 -14.34
C LYS A 449 3.23 -25.69 -15.07
N ALA A 450 2.08 -25.02 -14.99
CA ALA A 450 0.83 -25.51 -15.58
C ALA A 450 0.78 -25.47 -17.12
N HIS A 451 1.62 -24.65 -17.76
CA HIS A 451 1.53 -24.34 -19.20
C HIS A 451 0.09 -23.93 -19.56
N MET B 1 28.46 -25.12 -19.15
CA MET B 1 29.15 -23.84 -19.37
C MET B 1 29.68 -23.28 -18.04
N LYS B 2 30.81 -22.60 -18.11
CA LYS B 2 31.47 -22.14 -16.91
C LYS B 2 31.02 -20.72 -16.54
N VAL B 3 30.40 -20.58 -15.39
CA VAL B 3 29.93 -19.28 -14.93
C VAL B 3 30.69 -18.91 -13.67
N ILE B 4 31.31 -17.73 -13.69
CA ILE B 4 31.99 -17.16 -12.51
C ILE B 4 31.24 -15.94 -11.96
N VAL B 5 30.97 -15.96 -10.67
CA VAL B 5 30.27 -14.86 -10.00
C VAL B 5 31.31 -14.18 -9.09
N VAL B 6 31.52 -12.88 -9.28
CA VAL B 6 32.45 -12.15 -8.45
C VAL B 6 31.69 -11.33 -7.41
N GLY B 7 31.85 -11.72 -6.13
CA GLY B 7 31.13 -11.10 -5.03
C GLY B 7 29.81 -11.80 -4.74
N CYS B 8 29.54 -12.04 -3.47
CA CYS B 8 28.37 -12.83 -3.11
C CYS B 8 27.66 -12.31 -1.86
N THR B 9 27.09 -11.12 -1.95
CA THR B 9 26.15 -10.65 -0.94
C THR B 9 24.78 -10.74 -1.61
N HIS B 10 24.07 -9.63 -1.80
CA HIS B 10 22.68 -9.71 -2.24
C HIS B 10 22.57 -10.14 -3.69
N ALA B 11 23.25 -9.40 -4.56
CA ALA B 11 23.09 -9.62 -5.99
C ALA B 11 23.69 -10.96 -6.41
N GLY B 12 24.86 -11.28 -5.87
CA GLY B 12 25.56 -12.50 -6.22
C GLY B 12 24.88 -13.74 -5.71
N THR B 13 24.34 -13.69 -4.50
CA THR B 13 23.60 -14.81 -3.92
C THR B 13 22.39 -15.11 -4.77
N PHE B 14 21.62 -14.08 -5.13
CA PHE B 14 20.46 -14.32 -5.95
C PHE B 14 20.86 -14.80 -7.34
N ALA B 15 21.88 -14.21 -7.93
CA ALA B 15 22.35 -14.65 -9.25
C ALA B 15 22.76 -16.14 -9.24
N VAL B 16 23.44 -16.56 -8.19
CA VAL B 16 23.89 -17.96 -8.09
C VAL B 16 22.69 -18.91 -8.01
N LYS B 17 21.76 -18.60 -7.11
CA LYS B 17 20.60 -19.45 -6.88
C LYS B 17 19.67 -19.53 -8.08
N GLN B 18 19.47 -18.40 -8.76
CA GLN B 18 18.60 -18.35 -9.92
C GLN B 18 19.27 -19.00 -11.12
N THR B 19 20.59 -18.87 -11.22
CA THR B 19 21.35 -19.51 -12.28
C THR B 19 21.25 -21.03 -12.16
N ILE B 20 21.52 -21.53 -10.98
CA ILE B 20 21.48 -22.97 -10.74
C ILE B 20 20.06 -23.48 -10.97
N ALA B 21 19.07 -22.71 -10.53
CA ALA B 21 17.68 -23.09 -10.69
C ALA B 21 17.30 -23.28 -12.17
N ASP B 22 17.75 -22.37 -13.03
CA ASP B 22 17.29 -22.32 -14.41
C ASP B 22 18.25 -22.92 -15.44
N HIS B 23 19.46 -23.26 -15.02
CA HIS B 23 20.49 -23.76 -15.95
C HIS B 23 21.27 -24.86 -15.29
N PRO B 24 20.76 -26.08 -15.31
CA PRO B 24 21.49 -27.21 -14.69
C PRO B 24 22.78 -27.57 -15.45
N ASP B 25 23.00 -27.01 -16.65
CA ASP B 25 24.28 -27.15 -17.35
C ASP B 25 25.38 -26.17 -16.91
N ALA B 26 25.12 -25.41 -15.84
CA ALA B 26 26.06 -24.39 -15.38
C ALA B 26 26.94 -24.92 -14.26
N ASP B 27 28.25 -24.82 -14.44
CA ASP B 27 29.21 -25.12 -13.38
C ASP B 27 29.58 -23.78 -12.81
N VAL B 28 29.11 -23.50 -11.60
CA VAL B 28 29.24 -22.17 -11.02
C VAL B 28 30.35 -22.11 -10.00
N THR B 29 31.17 -21.06 -10.09
CA THR B 29 32.17 -20.70 -9.10
C THR B 29 31.86 -19.29 -8.56
N ALA B 30 31.85 -19.10 -7.24
CA ALA B 30 31.70 -17.77 -6.65
C ALA B 30 33.01 -17.44 -5.99
N TYR B 31 33.57 -16.29 -6.31
CA TYR B 31 34.70 -15.75 -5.60
C TYR B 31 34.20 -14.62 -4.74
N GLU B 32 34.56 -14.66 -3.47
CA GLU B 32 34.28 -13.64 -2.48
C GLU B 32 35.54 -13.35 -1.69
N MET B 33 35.89 -12.09 -1.59
CA MET B 33 37.13 -11.73 -0.91
C MET B 33 37.01 -11.73 0.62
N ASN B 34 35.81 -11.55 1.16
CA ASN B 34 35.59 -11.63 2.61
C ASN B 34 35.56 -13.09 3.04
N ASP B 35 35.56 -13.30 4.36
CA ASP B 35 35.39 -14.62 4.97
C ASP B 35 33.91 -14.99 5.22
N ASN B 36 33.00 -14.23 4.62
CA ASN B 36 31.59 -14.56 4.69
C ASN B 36 30.81 -14.10 3.48
N ILE B 37 29.65 -14.72 3.28
CA ILE B 37 28.70 -14.36 2.23
C ILE B 37 27.31 -14.15 2.81
N SER B 38 26.48 -13.45 2.04
CA SER B 38 25.04 -13.49 2.17
C SER B 38 24.57 -12.84 3.49
N PHE B 39 25.26 -11.76 3.87
CA PHE B 39 24.96 -11.01 5.09
C PHE B 39 24.12 -9.78 4.77
N LEU B 40 23.09 -9.58 5.58
CA LEU B 40 22.14 -8.47 5.44
C LEU B 40 22.60 -7.19 6.14
N SER B 41 23.37 -6.38 5.40
CA SER B 41 23.84 -5.07 5.88
C SER B 41 22.71 -4.17 6.39
N GLY B 43 20.37 -4.97 8.13
CA GLY B 43 20.04 -5.17 9.55
C GLY B 43 21.03 -4.61 10.53
N ILE B 44 22.12 -3.99 10.05
CA ILE B 44 23.20 -3.57 10.95
C ILE B 44 22.74 -2.61 12.02
N ALA B 45 22.00 -1.56 11.67
CA ALA B 45 21.58 -0.56 12.66
C ALA B 45 20.66 -1.14 13.75
N LEU B 46 19.80 -2.10 13.38
CA LEU B 46 18.93 -2.76 14.36
C LEU B 46 19.75 -3.70 15.25
N TYR B 47 20.77 -4.32 14.67
CA TYR B 47 21.71 -5.18 15.42
C TYR B 47 22.49 -4.35 16.44
N LEU B 48 23.09 -3.25 15.99
CA LEU B 48 23.85 -2.36 16.88
C LEU B 48 22.92 -1.71 17.91
N GLY B 49 21.69 -1.44 17.50
CA GLY B 49 20.67 -0.87 18.39
C GLY B 49 20.10 -1.84 19.42
N LYS B 50 20.50 -3.12 19.33
CA LYS B 50 20.05 -4.20 20.24
C LYS B 50 18.55 -4.47 20.10
N GLU B 51 18.12 -4.63 18.85
CA GLU B 51 16.71 -4.72 18.50
C GLU B 51 16.47 -5.87 17.51
N ILE B 52 17.35 -6.86 17.48
CA ILE B 52 17.09 -8.09 16.73
C ILE B 52 17.08 -9.24 17.73
N LYS B 53 16.46 -10.36 17.35
CA LYS B 53 16.25 -11.50 18.26
C LYS B 53 17.56 -11.98 18.86
N ASN B 54 17.65 -11.93 20.19
CA ASN B 54 18.84 -12.34 20.95
C ASN B 54 20.14 -11.61 20.62
N ASN B 55 20.02 -10.46 19.97
CA ASN B 55 21.16 -9.71 19.49
C ASN B 55 22.12 -10.57 18.69
N ASP B 56 21.57 -11.52 17.93
CA ASP B 56 22.35 -12.56 17.28
C ASP B 56 22.45 -12.29 15.78
N PRO B 57 23.63 -11.92 15.28
CA PRO B 57 23.77 -11.53 13.88
C PRO B 57 23.73 -12.74 12.93
N ARG B 58 23.81 -13.95 13.46
CA ARG B 58 23.58 -15.14 12.63
C ARG B 58 22.22 -15.06 11.90
N GLY B 59 21.21 -14.46 12.55
CA GLY B 59 19.89 -14.30 11.94
C GLY B 59 19.81 -13.32 10.77
N LEU B 60 20.85 -12.50 10.59
CA LEU B 60 20.97 -11.61 9.43
C LEU B 60 21.55 -12.27 8.17
N PHE B 61 21.91 -13.56 8.21
CA PHE B 61 22.39 -14.23 6.99
C PHE B 61 21.21 -14.95 6.33
N TYR B 62 21.09 -14.80 5.02
CA TYR B 62 20.01 -15.44 4.25
C TYR B 62 20.52 -16.61 3.41
N SER B 63 21.85 -16.80 3.39
CA SER B 63 22.46 -17.99 2.85
C SER B 63 23.77 -18.32 3.56
N SER B 64 24.49 -19.29 3.04
CA SER B 64 25.75 -19.71 3.62
C SER B 64 26.53 -20.51 2.58
N PRO B 65 27.84 -20.63 2.77
CA PRO B 65 28.67 -21.48 1.91
C PRO B 65 28.16 -22.90 1.79
N GLU B 66 27.69 -23.51 2.88
CA GLU B 66 27.18 -24.89 2.80
C GLU B 66 25.94 -24.98 1.90
N GLU B 67 25.02 -24.01 2.05
CA GLU B 67 23.78 -24.00 1.26
C GLU B 67 24.07 -23.89 -0.23
N LEU B 68 24.94 -22.94 -0.59
CA LEU B 68 25.30 -22.72 -1.99
C LEU B 68 26.10 -23.89 -2.54
N SER B 69 26.96 -24.47 -1.71
CA SER B 69 27.77 -25.61 -2.11
C SER B 69 26.90 -26.85 -2.35
N ASN B 70 25.81 -26.98 -1.60
CA ASN B 70 24.90 -28.11 -1.81
C ASN B 70 23.99 -27.93 -3.04
N LEU B 71 23.80 -26.69 -3.46
CA LEU B 71 23.20 -26.42 -4.76
C LEU B 71 24.16 -26.78 -5.88
N GLY B 72 25.43 -26.96 -5.54
CA GLY B 72 26.45 -27.41 -6.47
C GLY B 72 27.42 -26.32 -6.88
N ALA B 73 27.41 -25.19 -6.18
CA ALA B 73 28.34 -24.11 -6.50
C ALA B 73 29.69 -24.32 -5.81
N ASN B 74 30.73 -23.91 -6.50
CA ASN B 74 32.09 -23.93 -5.96
C ASN B 74 32.36 -22.57 -5.31
N VAL B 75 32.26 -22.53 -4.01
CA VAL B 75 32.34 -21.30 -3.26
C VAL B 75 33.76 -21.11 -2.69
N GLN B 76 34.42 -20.06 -3.17
CA GLN B 76 35.80 -19.78 -2.82
C GLN B 76 35.88 -18.45 -2.09
N MET B 77 35.86 -18.52 -0.75
CA MET B 77 35.99 -17.36 0.13
C MET B 77 37.43 -16.92 0.24
N ARG B 78 37.65 -15.74 0.77
CA ARG B 78 38.99 -15.16 0.86
C ARG B 78 39.74 -15.28 -0.51
N HIS B 79 39.01 -15.02 -1.59
CA HIS B 79 39.54 -14.97 -2.95
C HIS B 79 39.16 -13.62 -3.61
N GLN B 80 40.16 -12.88 -4.07
CA GLN B 80 39.96 -11.58 -4.69
C GLN B 80 40.26 -11.62 -6.18
N VAL B 81 39.28 -11.23 -7.00
CA VAL B 81 39.51 -11.16 -8.45
C VAL B 81 40.32 -9.91 -8.66
N THR B 82 41.49 -10.03 -9.31
CA THR B 82 42.41 -8.91 -9.48
C THR B 82 42.54 -8.40 -10.89
N ASN B 83 41.98 -9.15 -11.87
CA ASN B 83 41.97 -8.71 -13.26
C ASN B 83 40.80 -9.34 -14.00
N VAL B 84 40.21 -8.59 -14.92
CA VAL B 84 39.25 -9.09 -15.87
C VAL B 84 39.68 -8.59 -17.24
N ASP B 85 39.75 -9.50 -18.22
CA ASP B 85 40.13 -9.18 -19.59
C ASP B 85 38.99 -9.64 -20.49
N PRO B 86 38.00 -8.76 -20.70
CA PRO B 86 36.79 -9.15 -21.44
C PRO B 86 37.07 -9.77 -22.82
N GLU B 87 38.07 -9.25 -23.52
CA GLU B 87 38.35 -9.72 -24.89
C GLU B 87 38.73 -11.21 -24.95
N THR B 88 39.44 -11.71 -23.94
CA THR B 88 39.84 -13.12 -23.91
C THR B 88 38.99 -13.96 -23.01
N LYS B 89 37.98 -13.35 -22.38
CA LYS B 89 37.14 -14.06 -21.44
C LYS B 89 38.00 -14.78 -20.37
N THR B 90 38.88 -14.02 -19.75
CA THR B 90 39.64 -14.48 -18.59
C THR B 90 39.62 -13.51 -17.41
N ILE B 91 39.88 -14.07 -16.24
CA ILE B 91 40.12 -13.29 -15.04
C ILE B 91 41.40 -13.76 -14.37
N LYS B 92 41.90 -12.96 -13.44
CA LYS B 92 42.94 -13.38 -12.54
C LYS B 92 42.39 -13.24 -11.13
N VAL B 93 42.66 -14.24 -10.29
CA VAL B 93 42.12 -14.33 -8.95
C VAL B 93 43.23 -14.72 -7.99
N LYS B 94 43.22 -14.06 -6.84
CA LYS B 94 44.25 -14.25 -5.82
C LYS B 94 43.62 -14.88 -4.59
N ASP B 95 44.15 -16.04 -4.20
CA ASP B 95 43.94 -16.62 -2.86
C ASP B 95 44.61 -15.69 -1.83
N LEU B 96 43.81 -15.08 -0.97
CA LEU B 96 44.33 -14.04 -0.08
C LEU B 96 45.11 -14.60 1.11
N ILE B 97 44.94 -15.87 1.42
CA ILE B 97 45.72 -16.52 2.47
C ILE B 97 47.13 -16.88 1.94
N THR B 98 47.21 -17.54 0.78
CA THR B 98 48.51 -17.98 0.21
C THR B 98 49.18 -17.02 -0.78
N ASN B 99 48.47 -15.96 -1.16
CA ASN B 99 48.93 -15.02 -2.19
C ASN B 99 49.05 -15.59 -3.60
N GLU B 100 48.58 -16.81 -3.80
CA GLU B 100 48.65 -17.48 -5.08
C GLU B 100 47.60 -16.90 -6.01
N GLU B 101 48.05 -16.53 -7.21
CA GLU B 101 47.22 -15.90 -8.22
C GLU B 101 47.18 -16.84 -9.44
N LYS B 102 45.99 -17.04 -9.97
CA LYS B 102 45.76 -17.92 -11.10
C LYS B 102 44.91 -17.14 -12.12
N THR B 103 45.14 -17.41 -13.39
CA THR B 103 44.32 -16.90 -14.46
C THR B 103 43.38 -18.03 -14.83
N GLU B 104 42.12 -17.73 -15.15
CA GLU B 104 41.19 -18.75 -15.56
C GLU B 104 40.16 -18.21 -16.54
N ALA B 105 39.69 -19.09 -17.39
CA ALA B 105 38.71 -18.80 -18.41
C ALA B 105 37.29 -18.83 -17.85
N TYR B 106 36.40 -18.10 -18.49
CA TYR B 106 34.96 -18.22 -18.26
C TYR B 106 34.14 -18.15 -19.55
N ASP B 107 32.96 -18.75 -19.51
CA ASP B 107 31.92 -18.56 -20.51
C ASP B 107 31.04 -17.35 -20.23
N LYS B 108 30.61 -17.23 -18.97
CA LYS B 108 29.89 -16.04 -18.50
C LYS B 108 30.50 -15.56 -17.18
N LEU B 109 30.60 -14.26 -17.04
CA LEU B 109 31.07 -13.63 -15.80
C LEU B 109 29.97 -12.73 -15.26
N ILE B 110 29.80 -12.79 -13.96
CA ILE B 110 28.76 -12.01 -13.30
C ILE B 110 29.45 -11.11 -12.32
N MET B 111 29.46 -9.80 -12.58
CA MET B 111 30.09 -8.82 -11.71
C MET B 111 29.12 -8.26 -10.67
N THR B 112 29.18 -8.86 -9.49
CA THR B 112 28.33 -8.52 -8.37
C THR B 112 29.25 -8.10 -7.19
N THR B 113 30.16 -7.19 -7.51
CA THR B 113 31.23 -6.73 -6.62
C THR B 113 30.77 -5.53 -5.77
N GLY B 114 29.59 -5.03 -6.03
CA GLY B 114 28.95 -4.12 -5.11
C GLY B 114 29.64 -2.77 -5.04
N SER B 115 29.77 -2.27 -3.82
CA SER B 115 30.27 -0.95 -3.56
C SER B 115 31.17 -1.00 -2.33
N LYS B 116 32.04 0.00 -2.20
CA LYS B 116 32.80 0.14 -0.96
C LYS B 116 32.44 1.47 -0.34
N PRO B 117 32.58 1.59 0.98
CA PRO B 117 32.30 2.85 1.66
C PRO B 117 33.27 3.94 1.21
N THR B 118 32.74 5.16 1.03
CA THR B 118 33.55 6.29 0.67
C THR B 118 34.30 6.76 1.91
N VAL B 119 35.62 6.75 1.81
CA VAL B 119 36.50 7.15 2.91
C VAL B 119 37.23 8.35 2.40
N PRO B 120 37.00 9.50 3.02
CA PRO B 120 37.54 10.76 2.49
C PRO B 120 39.05 10.83 2.80
N PRO B 121 39.85 11.40 1.89
CA PRO B 121 41.30 11.42 2.06
C PRO B 121 41.75 12.51 3.01
N ILE B 122 41.48 12.32 4.30
CA ILE B 122 41.69 13.32 5.35
C ILE B 122 42.42 12.72 6.56
N PRO B 123 43.02 13.55 7.41
CA PRO B 123 43.73 13.03 8.58
C PRO B 123 42.84 12.18 9.49
N GLY B 124 43.43 11.16 10.11
CA GLY B 124 42.76 10.35 11.13
C GLY B 124 41.93 9.15 10.70
N ILE B 125 41.70 8.95 9.41
CA ILE B 125 40.87 7.81 8.94
C ILE B 125 41.49 6.44 9.29
N ASP B 126 42.78 6.47 9.60
CA ASP B 126 43.50 5.27 10.00
C ASP B 126 43.41 5.00 11.50
N SER B 127 42.74 5.87 12.25
CA SER B 127 42.61 5.66 13.69
C SER B 127 41.78 4.42 13.99
N SER B 128 42.13 3.69 15.04
CA SER B 128 41.32 2.55 15.48
C SER B 128 39.96 2.99 16.10
N ARG B 129 39.78 4.30 16.29
CA ARG B 129 38.53 4.86 16.82
C ARG B 129 37.59 5.38 15.74
N VAL B 130 37.96 5.14 14.46
CA VAL B 130 37.12 5.48 13.31
C VAL B 130 36.68 4.17 12.69
N TYR B 131 35.37 4.05 12.50
CA TYR B 131 34.74 2.81 12.12
C TYR B 131 33.99 2.96 10.82
N LEU B 132 34.07 1.97 9.94
CA LEU B 132 33.19 1.94 8.79
C LEU B 132 31.92 1.18 9.11
N CYS B 133 30.92 1.33 8.27
CA CYS B 133 29.66 0.64 8.48
C CYS B 133 29.13 0.14 7.13
N LYS B 134 29.59 -1.04 6.71
CA LYS B 134 29.17 -1.63 5.43
C LYS B 134 28.81 -3.08 5.60
N ASN B 135 29.71 -3.86 6.18
CA ASN B 135 29.59 -5.30 6.13
C ASN B 135 29.61 -6.00 7.49
N TYR B 136 29.54 -7.32 7.48
CA TYR B 136 29.54 -8.12 8.70
C TYR B 136 30.70 -7.77 9.62
N ASN B 137 31.91 -7.76 9.09
CA ASN B 137 33.05 -7.50 9.99
C ASN B 137 33.04 -6.11 10.58
N ASP B 138 32.58 -5.12 9.81
CA ASP B 138 32.35 -3.78 10.34
C ASP B 138 31.35 -3.81 11.46
N ALA B 139 30.28 -4.59 11.27
CA ALA B 139 29.20 -4.66 12.25
C ALA B 139 29.69 -5.27 13.55
N LYS B 140 30.45 -6.35 13.42
CA LYS B 140 30.96 -7.09 14.57
C LYS B 140 31.89 -6.18 15.39
N LYS B 141 32.72 -5.40 14.68
CA LYS B 141 33.66 -4.49 15.31
C LYS B 141 32.92 -3.45 16.14
N LEU B 142 31.86 -2.90 15.57
CA LEU B 142 31.08 -1.89 16.26
C LEU B 142 30.35 -2.50 17.45
N PHE B 143 29.77 -3.68 17.28
CA PHE B 143 29.00 -4.32 18.36
C PHE B 143 29.90 -4.67 19.56
N GLU B 144 31.11 -5.14 19.25
CA GLU B 144 32.11 -5.48 20.26
C GLU B 144 32.69 -4.25 20.97
N GLU B 145 32.81 -3.14 20.25
CA GLU B 145 33.41 -1.92 20.81
C GLU B 145 32.46 -1.07 21.66
N ALA B 146 31.15 -1.33 21.52
CA ALA B 146 30.09 -0.60 22.23
C ALA B 146 30.24 -0.45 23.75
N PRO B 147 30.48 -1.55 24.48
CA PRO B 147 30.70 -1.48 25.94
C PRO B 147 31.77 -0.48 26.40
N LYS B 148 32.67 -0.10 25.49
CA LYS B 148 33.78 0.78 25.83
C LYS B 148 33.51 2.23 25.44
N ALA B 149 32.30 2.52 24.97
CA ALA B 149 31.95 3.85 24.51
C ALA B 149 30.70 4.35 25.21
N LYS B 150 30.66 5.66 25.44
CA LYS B 150 29.48 6.38 25.92
C LYS B 150 29.09 7.51 25.00
N THR B 151 29.99 7.90 24.11
CA THR B 151 29.76 9.01 23.16
C THR B 151 30.17 8.57 21.76
N ILE B 152 29.23 8.68 20.81
CA ILE B 152 29.48 8.30 19.40
C ILE B 152 29.25 9.49 18.51
N THR B 153 30.18 9.73 17.59
CA THR B 153 29.95 10.70 16.54
C THR B 153 29.70 9.97 15.21
N ILE B 154 28.64 10.39 14.51
CA ILE B 154 28.26 9.79 13.23
C ILE B 154 28.44 10.84 12.20
N ILE B 155 29.24 10.54 11.17
CA ILE B 155 29.54 11.49 10.10
C ILE B 155 28.73 11.11 8.85
N GLY B 156 27.79 11.96 8.48
CA GLY B 156 26.94 11.72 7.33
C GLY B 156 25.54 11.41 7.78
N SER B 157 24.62 12.30 7.42
CA SER B 157 23.21 12.09 7.74
C SER B 157 22.40 11.68 6.53
N GLY B 158 22.91 10.72 5.74
CA GLY B 158 22.08 9.94 4.82
C GLY B 158 21.24 8.90 5.56
N TYR B 159 20.72 7.90 4.84
CA TYR B 159 19.87 6.88 5.48
C TYR B 159 20.58 6.14 6.60
N ILE B 160 21.84 5.75 6.39
CA ILE B 160 22.55 4.92 7.35
C ILE B 160 22.89 5.70 8.64
N GLY B 161 23.42 6.91 8.49
CA GLY B 161 23.76 7.76 9.64
C GLY B 161 22.51 8.18 10.42
N ALA B 162 21.41 8.42 9.72
CA ALA B 162 20.15 8.74 10.38
C ALA B 162 19.67 7.58 11.27
N GLU B 163 19.76 6.36 10.75
CA GLU B 163 19.36 5.18 11.49
C GLU B 163 20.29 4.88 12.67
N LEU B 164 21.61 4.96 12.45
CA LEU B 164 22.56 4.77 13.54
C LEU B 164 22.35 5.77 14.67
N ALA B 165 22.14 7.03 14.33
CA ALA B 165 21.96 8.10 15.33
C ALA B 165 20.74 7.80 16.20
N GLU B 166 19.68 7.29 15.58
CA GLU B 166 18.48 6.91 16.29
C GLU B 166 18.76 5.70 17.15
N ALA B 167 19.50 4.74 16.60
CA ALA B 167 19.76 3.49 17.30
C ALA B 167 20.63 3.68 18.54
N TYR B 168 21.60 4.56 18.48
CA TYR B 168 22.49 4.78 19.61
C TYR B 168 21.81 5.70 20.64
N SER B 169 21.05 6.71 20.17
CA SER B 169 20.37 7.62 21.10
C SER B 169 19.31 6.93 21.95
N ASN B 170 18.68 5.89 21.41
CA ASN B 170 17.68 5.12 22.15
C ASN B 170 18.30 4.21 23.24
N GLN B 171 19.64 4.10 23.26
CA GLN B 171 20.36 3.34 24.27
C GLN B 171 21.12 4.28 25.22
N ASN B 172 20.83 5.58 25.09
CA ASN B 172 21.37 6.66 25.94
C ASN B 172 22.87 6.94 25.80
N TYR B 173 23.39 6.62 24.61
CA TYR B 173 24.68 7.15 24.23
C TYR B 173 24.48 8.64 24.06
N ASN B 174 25.53 9.42 24.29
CA ASN B 174 25.57 10.78 23.76
C ASN B 174 25.88 10.62 22.27
N VAL B 175 25.04 11.21 21.41
CA VAL B 175 25.23 11.14 19.96
C VAL B 175 25.45 12.52 19.34
N ASN B 176 26.49 12.64 18.53
CA ASN B 176 26.64 13.78 17.62
C ASN B 176 26.41 13.29 16.18
N LEU B 177 25.66 14.05 15.39
CA LEU B 177 25.38 13.73 13.98
C LEU B 177 25.84 14.89 13.12
N ILE B 178 26.83 14.63 12.28
CA ILE B 178 27.50 15.68 11.54
C ILE B 178 27.32 15.47 10.05
N ASP B 179 26.95 16.53 9.35
CA ASP B 179 26.75 16.50 7.91
C ASP B 179 27.07 17.86 7.32
N GLY B 180 27.55 17.87 6.07
CA GLY B 180 27.80 19.11 5.35
C GLY B 180 26.56 19.86 4.88
N HIS B 181 25.43 19.18 4.67
CA HIS B 181 24.16 19.84 4.37
C HIS B 181 23.54 20.46 5.62
N GLU B 182 22.66 21.45 5.43
CA GLU B 182 22.02 22.21 6.52
C GLU B 182 20.80 21.51 7.11
N ARG B 183 20.40 20.41 6.49
CA ARG B 183 19.34 19.52 6.98
C ARG B 183 19.79 18.05 6.96
N VAL B 184 19.29 17.25 7.89
CA VAL B 184 19.45 15.81 7.79
C VAL B 184 18.64 15.31 6.59
N LEU B 185 19.12 14.23 5.98
CA LEU B 185 18.47 13.59 4.82
C LEU B 185 18.13 14.59 3.75
N TYR B 186 19.04 15.52 3.52
CA TYR B 186 18.83 16.64 2.63
C TYR B 186 18.39 16.25 1.22
N LYS B 187 19.08 15.28 0.63
CA LYS B 187 18.78 14.81 -0.71
C LYS B 187 17.56 13.90 -0.76
N TYR B 188 17.11 13.44 0.41
CA TYR B 188 16.12 12.36 0.48
C TYR B 188 14.67 12.81 0.73
N PHE B 189 14.50 13.88 1.47
CA PHE B 189 13.17 14.35 1.81
C PHE B 189 13.13 15.87 1.86
N ASP B 190 11.98 16.43 1.53
CA ASP B 190 11.75 17.87 1.68
C ASP B 190 11.97 18.29 3.15
N LYS B 191 12.22 19.59 3.30
CA LYS B 191 12.36 20.25 4.60
C LYS B 191 11.17 20.01 5.53
N GLU B 192 9.95 19.93 5.00
CA GLU B 192 8.78 19.78 5.87
C GLU B 192 8.88 18.44 6.62
N PHE B 193 9.48 17.44 5.99
CA PHE B 193 9.71 16.13 6.61
C PHE B 193 10.91 16.13 7.55
N THR B 194 12.04 16.68 7.12
CA THR B 194 13.28 16.61 7.92
C THR B 194 13.25 17.57 9.11
N ASP B 195 12.35 18.56 9.08
CA ASP B 195 12.13 19.42 10.26
C ASP B 195 11.54 18.58 11.39
N ILE B 196 10.62 17.68 11.04
CA ILE B 196 10.03 16.79 12.02
C ILE B 196 11.10 15.89 12.62
N LEU B 197 11.92 15.30 11.78
CA LEU B 197 12.97 14.43 12.26
C LEU B 197 13.96 15.16 13.19
N ALA B 198 14.38 16.36 12.78
CA ALA B 198 15.35 17.15 13.54
C ALA B 198 14.81 17.42 14.96
N LYS B 199 13.54 17.82 15.03
CA LYS B 199 12.86 17.98 16.31
C LYS B 199 12.92 16.71 17.18
N ASP B 200 12.69 15.55 16.58
CA ASP B 200 12.77 14.29 17.30
C ASP B 200 14.19 13.98 17.73
N TYR B 201 15.18 14.31 16.90
CA TYR B 201 16.59 14.10 17.26
C TYR B 201 16.90 14.94 18.52
N GLU B 202 16.55 16.21 18.48
CA GLU B 202 16.86 17.13 19.59
C GLU B 202 16.11 16.74 20.86
N ALA B 203 14.89 16.24 20.73
CA ALA B 203 14.13 15.72 21.88
C ALA B 203 14.71 14.44 22.46
N HIS B 204 15.49 13.71 21.68
CA HIS B 204 16.14 12.49 22.16
C HIS B 204 17.62 12.74 22.45
N GLY B 205 18.02 13.99 22.48
CA GLY B 205 19.30 14.38 23.00
C GLY B 205 20.42 14.28 21.98
N VAL B 206 20.07 14.26 20.70
CA VAL B 206 21.05 14.18 19.63
C VAL B 206 21.53 15.58 19.25
N ASN B 207 22.84 15.77 19.31
CA ASN B 207 23.48 17.00 18.91
C ASN B 207 23.68 17.01 17.39
N LEU B 208 22.92 17.87 16.71
CA LEU B 208 23.00 18.00 15.26
C LEU B 208 24.02 19.06 14.88
N VAL B 209 25.04 18.65 14.14
CA VAL B 209 26.08 19.57 13.70
C VAL B 209 26.04 19.62 12.18
N LEU B 210 25.30 20.59 11.65
CA LEU B 210 24.91 20.57 10.24
C LEU B 210 25.45 21.80 9.48
N GLY B 211 25.89 21.59 8.25
CA GLY B 211 26.32 22.71 7.42
C GLY B 211 27.81 22.78 7.08
N SER B 212 28.64 21.95 7.69
CA SER B 212 30.07 21.94 7.39
C SER B 212 30.63 20.53 7.37
N LYS B 213 31.38 20.19 6.32
CA LYS B 213 31.98 18.87 6.19
C LYS B 213 33.10 18.64 7.21
N VAL B 214 33.28 17.39 7.63
CA VAL B 214 34.39 16.94 8.43
C VAL B 214 35.66 17.06 7.57
N ALA B 215 36.68 17.67 8.16
CA ALA B 215 37.97 17.93 7.52
C ALA B 215 39.08 17.03 8.08
N ALA B 216 38.88 16.48 9.26
CA ALA B 216 39.93 15.74 9.95
C ALA B 216 39.44 15.06 11.22
N PHE B 217 40.12 13.99 11.58
CA PHE B 217 40.01 13.38 12.88
C PHE B 217 41.38 13.44 13.54
N GLU B 218 41.38 13.56 14.86
CA GLU B 218 42.59 13.52 15.66
C GLU B 218 42.37 12.67 16.91
N GLU B 219 43.11 11.57 17.01
CA GLU B 219 43.06 10.70 18.17
C GLU B 219 43.93 11.29 19.27
N VAL B 220 43.33 11.63 20.42
CA VAL B 220 44.07 12.15 21.59
C VAL B 220 43.47 11.64 22.91
N ASP B 221 44.33 11.08 23.76
CA ASP B 221 43.94 10.34 24.96
C ASP B 221 43.14 9.11 24.53
N ASP B 222 42.06 8.76 25.24
CA ASP B 222 41.22 7.63 24.83
C ASP B 222 39.98 8.10 24.03
N GLU B 223 40.16 9.13 23.20
CA GLU B 223 39.07 9.73 22.44
C GLU B 223 39.52 10.15 21.02
N ILE B 224 38.55 10.43 20.14
CA ILE B 224 38.85 11.12 18.87
C ILE B 224 38.03 12.38 18.81
N ILE B 225 38.62 13.39 18.21
CA ILE B 225 37.90 14.60 17.94
C ILE B 225 37.70 14.74 16.44
N THR B 226 36.47 15.09 16.08
CA THR B 226 36.08 15.27 14.71
C THR B 226 36.04 16.75 14.47
N LYS B 227 36.71 17.19 13.41
CA LYS B 227 36.92 18.61 13.13
C LYS B 227 36.29 19.02 11.81
N THR B 228 35.39 20.01 11.83
CA THR B 228 34.75 20.48 10.61
C THR B 228 35.57 21.54 9.92
N LEU B 229 35.18 21.87 8.70
CA LEU B 229 35.83 22.93 7.95
C LEU B 229 35.63 24.28 8.61
N ASP B 230 34.51 24.46 9.29
CA ASP B 230 34.20 25.76 9.91
C ASP B 230 34.70 25.91 11.35
N GLY B 231 35.50 24.94 11.81
CA GLY B 231 36.27 25.12 13.03
C GLY B 231 35.79 24.37 14.26
N LYS B 232 34.69 23.65 14.16
CA LYS B 232 34.20 22.93 15.32
C LYS B 232 35.06 21.72 15.60
N GLU B 233 35.13 21.36 16.88
CA GLU B 233 35.91 20.23 17.35
C GLU B 233 35.01 19.45 18.29
N ILE B 234 34.67 18.22 17.93
CA ILE B 234 33.65 17.42 18.61
C ILE B 234 34.28 16.15 19.15
N LYS B 235 34.25 15.93 20.46
CA LYS B 235 34.91 14.76 21.06
C LYS B 235 33.93 13.61 21.28
N SER B 236 34.45 12.42 21.12
CA SER B 236 33.69 11.22 21.36
C SER B 236 34.68 10.12 21.66
N ASP B 237 34.17 8.98 22.08
CA ASP B 237 35.00 7.81 22.23
C ASP B 237 35.30 7.20 20.87
N ILE B 238 34.27 7.11 20.02
CA ILE B 238 34.44 6.60 18.66
C ILE B 238 33.67 7.42 17.64
N ALA B 239 34.01 7.22 16.37
CA ALA B 239 33.37 7.92 15.27
C ALA B 239 33.12 6.93 14.15
N ILE B 240 31.98 7.09 13.45
CA ILE B 240 31.54 6.18 12.40
C ILE B 240 31.28 6.96 11.14
N LEU B 241 31.87 6.48 10.05
CA LEU B 241 31.79 7.14 8.76
C LEU B 241 30.63 6.54 7.98
N CYS B 242 29.75 7.42 7.54
CA CYS B 242 28.50 7.09 6.84
C CYS B 242 28.27 8.11 5.74
N ILE B 243 29.28 8.30 4.86
CA ILE B 243 29.19 9.31 3.81
C ILE B 243 29.05 8.71 2.40
N GLY B 244 28.55 7.50 2.31
CA GLY B 244 28.13 6.96 1.03
C GLY B 244 29.03 5.89 0.54
N PHE B 245 28.79 5.49 -0.70
CA PHE B 245 29.45 4.33 -1.30
C PHE B 245 29.82 4.62 -2.74
N ARG B 246 30.81 3.90 -3.26
CA ARG B 246 31.14 3.97 -4.68
C ARG B 246 31.24 2.60 -5.29
N PRO B 247 30.81 2.47 -6.54
CA PRO B 247 30.92 1.18 -7.21
C PRO B 247 32.32 0.62 -7.10
N ASN B 248 32.36 -0.65 -6.73
CA ASN B 248 33.59 -1.39 -6.70
C ASN B 248 33.94 -2.00 -8.07
N THR B 249 34.32 -1.14 -9.03
CA THR B 249 34.41 -1.60 -10.42
C THR B 249 35.73 -1.32 -11.13
N GLU B 250 36.76 -1.01 -10.34
CA GLU B 250 38.12 -0.72 -10.83
C GLU B 250 38.59 -1.78 -11.83
N LEU B 251 38.17 -3.02 -11.64
CA LEU B 251 38.52 -4.17 -12.52
C LEU B 251 38.09 -3.96 -13.98
N LEU B 252 37.06 -3.15 -14.19
CA LEU B 252 36.52 -2.95 -15.51
C LEU B 252 36.56 -1.49 -15.97
N LYS B 253 37.30 -0.64 -15.27
CA LYS B 253 37.48 0.76 -15.69
C LYS B 253 38.23 0.82 -17.03
N GLY B 254 37.63 1.51 -18.00
CA GLY B 254 38.12 1.56 -19.37
C GLY B 254 37.85 0.33 -20.22
N LYS B 255 37.16 -0.67 -19.68
CA LYS B 255 36.92 -1.91 -20.38
C LYS B 255 35.47 -2.14 -20.75
N VAL B 256 34.53 -1.68 -19.91
CA VAL B 256 33.10 -1.65 -20.25
C VAL B 256 32.51 -0.26 -19.98
N ALA B 257 31.38 0.04 -20.59
CA ALA B 257 30.83 1.38 -20.47
C ALA B 257 30.36 1.60 -19.01
N MET B 258 30.56 2.80 -18.50
CA MET B 258 30.23 3.15 -17.11
C MET B 258 29.75 4.58 -16.96
N LEU B 259 28.97 4.83 -15.91
CA LEU B 259 28.78 6.20 -15.41
C LEU B 259 30.10 6.78 -14.88
N ASP B 260 30.12 8.09 -14.62
CA ASP B 260 31.32 8.76 -14.09
C ASP B 260 31.80 8.19 -12.77
N ASN B 261 30.89 7.64 -11.96
CA ASN B 261 31.28 7.03 -10.69
C ASN B 261 31.74 5.57 -10.78
N GLY B 262 31.78 5.00 -11.99
CA GLY B 262 32.19 3.63 -12.18
C GLY B 262 31.06 2.61 -12.28
N ALA B 263 29.80 3.05 -12.16
CA ALA B 263 28.67 2.10 -12.21
C ALA B 263 28.57 1.53 -13.60
N ILE B 264 28.48 0.21 -13.69
CA ILE B 264 28.43 -0.50 -14.98
C ILE B 264 27.06 -0.34 -15.65
N ILE B 265 27.06 0.22 -16.85
CA ILE B 265 25.84 0.40 -17.62
C ILE B 265 25.45 -0.90 -18.29
N THR B 266 24.18 -1.29 -18.19
CA THR B 266 23.68 -2.50 -18.79
C THR B 266 22.48 -2.32 -19.72
N ASP B 267 22.25 -3.29 -20.60
CA ASP B 267 21.01 -3.28 -21.39
C ASP B 267 19.85 -3.80 -20.53
N GLU B 268 18.68 -4.03 -21.13
CA GLU B 268 17.48 -4.46 -20.37
C GLU B 268 17.56 -5.89 -19.87
N TYR B 269 18.59 -6.62 -20.29
CA TYR B 269 18.80 -7.98 -19.83
C TYR B 269 20.03 -8.14 -18.89
N MET B 270 20.65 -7.03 -18.51
CA MET B 270 21.74 -6.97 -17.50
C MET B 270 23.13 -7.25 -18.11
N HIS B 271 23.22 -7.34 -19.44
CA HIS B 271 24.55 -7.39 -20.08
C HIS B 271 25.23 -6.03 -20.00
N SER B 272 26.48 -6.00 -19.59
CA SER B 272 27.35 -4.87 -19.89
C SER B 272 27.61 -4.74 -21.40
N SER B 273 28.39 -3.70 -21.76
CA SER B 273 28.91 -3.49 -23.12
C SER B 273 29.66 -4.72 -23.71
N ASN B 274 30.14 -5.61 -22.85
CA ASN B 274 30.57 -6.93 -23.25
C ASN B 274 29.49 -7.94 -22.90
N ARG B 275 29.08 -8.71 -23.91
CA ARG B 275 27.92 -9.60 -23.88
C ARG B 275 28.03 -10.73 -22.86
N ASP B 276 29.24 -11.19 -22.58
CA ASP B 276 29.40 -12.31 -21.68
C ASP B 276 29.70 -11.84 -20.24
N ILE B 277 29.69 -10.53 -20.01
CA ILE B 277 29.84 -10.01 -18.63
C ILE B 277 28.53 -9.30 -18.23
N PHE B 278 27.91 -9.81 -17.18
CA PHE B 278 26.68 -9.25 -16.62
C PHE B 278 27.09 -8.44 -15.42
N ALA B 279 26.27 -7.47 -15.05
CA ALA B 279 26.46 -6.75 -13.79
C ALA B 279 25.13 -6.57 -13.11
N ALA B 280 25.15 -6.56 -11.75
CA ALA B 280 23.93 -6.46 -10.94
C ALA B 280 24.29 -5.91 -9.57
N GLY B 281 23.40 -5.08 -9.02
CA GLY B 281 23.61 -4.51 -7.69
C GLY B 281 24.41 -3.25 -7.69
N ASP B 282 25.10 -2.99 -6.59
CA ASP B 282 25.82 -1.73 -6.40
C ASP B 282 27.01 -1.60 -7.36
N SER B 283 27.37 -2.66 -8.09
CA SER B 283 28.34 -2.51 -9.18
C SER B 283 27.75 -1.88 -10.45
N ALA B 284 26.42 -1.85 -10.54
CA ALA B 284 25.70 -1.55 -11.76
C ALA B 284 24.89 -0.27 -11.68
N ALA B 285 24.63 0.32 -12.85
CA ALA B 285 23.64 1.40 -12.97
C ALA B 285 22.27 0.76 -12.97
N VAL B 286 21.25 1.51 -12.56
CA VAL B 286 19.86 1.09 -12.74
C VAL B 286 19.17 1.88 -13.86
N HIS B 287 18.17 1.30 -14.49
CA HIS B 287 17.32 2.11 -15.36
C HIS B 287 16.27 2.79 -14.50
N TYR B 288 16.43 4.09 -14.34
CA TYR B 288 15.56 4.92 -13.52
C TYR B 288 14.38 5.44 -14.31
N ASN B 289 13.19 4.96 -13.98
CA ASN B 289 11.99 5.29 -14.74
C ASN B 289 11.54 6.76 -14.78
N PRO B 290 11.57 7.48 -13.66
CA PRO B 290 11.09 8.88 -13.68
C PRO B 290 11.80 9.79 -14.71
N THR B 291 13.07 9.55 -15.03
CA THR B 291 13.76 10.35 -16.03
C THR B 291 14.25 9.53 -17.22
N ASN B 292 13.78 8.29 -17.32
CA ASN B 292 14.06 7.40 -18.43
C ASN B 292 15.55 7.32 -18.74
N SER B 293 16.37 7.26 -17.69
CA SER B 293 17.84 7.36 -17.84
C SER B 293 18.56 6.41 -16.89
N ASN B 294 19.88 6.27 -17.06
CA ASN B 294 20.71 5.47 -16.14
C ASN B 294 21.08 6.29 -14.92
N ALA B 295 21.07 5.65 -13.76
CA ALA B 295 21.37 6.34 -12.49
C ALA B 295 22.04 5.37 -11.53
N TYR B 296 22.64 5.88 -10.49
CA TYR B 296 23.23 5.03 -9.50
C TYR B 296 22.38 5.09 -8.25
N ILE B 297 21.72 3.97 -7.94
CA ILE B 297 20.81 3.88 -6.79
C ILE B 297 21.11 2.57 -6.08
N PRO B 298 22.11 2.61 -5.22
CA PRO B 298 22.59 1.42 -4.54
C PRO B 298 21.66 1.02 -3.39
N LEU B 299 20.72 0.14 -3.69
CA LEU B 299 19.73 -0.35 -2.71
C LEU B 299 19.61 -1.85 -2.90
N ALA B 300 19.29 -2.57 -1.82
CA ALA B 300 19.14 -4.02 -1.86
C ALA B 300 18.04 -4.44 -2.83
N THR B 301 17.03 -3.58 -2.96
CA THR B 301 15.93 -3.88 -3.86
C THR B 301 16.41 -4.09 -5.27
N ASN B 302 17.32 -3.22 -5.69
CA ASN B 302 17.92 -3.32 -7.02
C ASN B 302 18.89 -4.49 -7.17
N ALA B 303 19.62 -4.78 -6.10
CA ALA B 303 20.52 -5.96 -6.09
C ALA B 303 19.77 -7.27 -6.29
N VAL B 304 18.64 -7.48 -5.59
CA VAL B 304 17.92 -8.72 -5.71
C VAL B 304 17.22 -8.88 -7.07
N ARG B 305 16.67 -7.78 -7.59
CA ARG B 305 15.99 -7.81 -8.86
C ARG B 305 17.00 -8.01 -10.00
N GLN B 306 18.09 -7.22 -9.99
CA GLN B 306 19.16 -7.36 -11.00
C GLN B 306 19.80 -8.74 -10.93
N GLY B 307 20.11 -9.22 -9.74
CA GLY B 307 20.62 -10.58 -9.58
C GLY B 307 19.69 -11.63 -10.17
N ARG B 308 18.38 -11.48 -9.91
CA ARG B 308 17.39 -12.40 -10.45
C ARG B 308 17.41 -12.39 -11.98
N LEU B 309 17.47 -11.19 -12.56
CA LEU B 309 17.46 -11.02 -14.01
C LEU B 309 18.71 -11.64 -14.66
N VAL B 310 19.84 -11.58 -13.97
CA VAL B 310 21.06 -12.19 -14.49
C VAL B 310 20.83 -13.69 -14.63
N GLY B 311 20.26 -14.30 -13.63
CA GLY B 311 19.99 -15.73 -13.65
C GLY B 311 18.98 -16.06 -14.75
N LEU B 312 17.97 -15.21 -14.88
CA LEU B 312 16.92 -15.42 -15.88
C LEU B 312 17.44 -15.32 -17.32
N ASN B 313 18.40 -14.43 -17.54
CA ASN B 313 18.88 -14.08 -18.87
C ASN B 313 20.29 -14.60 -19.19
N LEU B 314 20.74 -15.59 -18.44
CA LEU B 314 22.14 -16.01 -18.50
C LEU B 314 22.54 -16.50 -19.90
N THR B 315 21.68 -17.31 -20.51
CA THR B 315 21.95 -17.89 -21.85
C THR B 315 21.08 -17.28 -22.94
N GLU B 316 19.91 -16.78 -22.54
CA GLU B 316 18.90 -16.24 -23.44
C GLU B 316 18.35 -14.92 -22.92
N ASP B 317 18.10 -13.97 -23.81
CA ASP B 317 17.41 -12.74 -23.43
C ASP B 317 15.92 -12.99 -23.28
N LYS B 318 15.49 -13.35 -22.07
CA LYS B 318 14.14 -13.80 -21.77
C LYS B 318 13.25 -12.77 -21.06
N VAL B 319 13.80 -12.01 -20.12
CA VAL B 319 13.00 -11.14 -19.23
C VAL B 319 13.66 -9.77 -19.11
N LYS B 320 12.96 -8.75 -19.64
CA LYS B 320 13.43 -7.38 -19.61
C LYS B 320 13.31 -6.78 -18.21
N ASP B 321 14.28 -5.92 -17.88
CA ASP B 321 14.27 -5.14 -16.64
C ASP B 321 13.13 -4.14 -16.71
N MET B 322 12.34 -4.04 -15.65
CA MET B 322 11.25 -3.04 -15.59
C MET B 322 11.76 -1.70 -15.15
N GLY B 323 13.01 -1.61 -14.69
CA GLY B 323 13.56 -0.36 -14.18
C GLY B 323 13.13 -0.13 -12.73
N THR B 324 13.41 1.02 -12.21
CA THR B 324 13.07 1.30 -10.80
C THR B 324 12.82 2.75 -10.54
N GLN B 325 12.29 3.01 -9.36
CA GLN B 325 11.81 4.31 -8.95
C GLN B 325 12.51 4.79 -7.67
N SER B 326 13.55 4.12 -7.18
CA SER B 326 14.23 4.50 -5.93
C SER B 326 13.29 4.52 -4.72
N SER B 327 12.42 3.53 -4.62
CA SER B 327 11.48 3.45 -3.50
C SER B 327 12.29 3.07 -2.26
N SER B 328 12.10 3.81 -1.17
CA SER B 328 12.90 3.61 0.02
C SER B 328 12.18 4.18 1.25
N GLY B 329 12.59 3.72 2.43
CA GLY B 329 12.01 4.24 3.65
C GLY B 329 12.75 3.86 4.91
N LEU B 330 12.29 4.44 6.01
CA LEU B 330 12.91 4.29 7.31
C LEU B 330 11.82 4.48 8.34
N LYS B 331 12.05 4.02 9.54
CA LYS B 331 11.16 4.33 10.66
C LYS B 331 12.05 4.80 11.80
N LEU B 332 11.91 6.06 12.22
CA LEU B 332 12.80 6.64 13.22
C LEU B 332 11.93 7.21 14.33
N TYR B 333 12.22 6.81 15.57
CA TYR B 333 11.42 7.22 16.74
C TYR B 333 9.92 6.95 16.53
N GLY B 334 9.61 5.82 15.90
CA GLY B 334 8.23 5.37 15.62
C GLY B 334 7.56 6.02 14.41
N ARG B 335 8.20 7.01 13.79
CA ARG B 335 7.63 7.72 12.64
C ARG B 335 8.15 7.10 11.36
N THR B 336 7.23 6.80 10.46
CA THR B 336 7.56 6.28 9.14
C THR B 336 7.85 7.43 8.19
N TYR B 337 8.89 7.29 7.38
CA TYR B 337 9.23 8.24 6.34
C TYR B 337 9.47 7.40 5.09
N VAL B 338 8.67 7.55 4.07
CA VAL B 338 8.91 6.83 2.81
C VAL B 338 8.89 7.73 1.61
N SER B 339 9.57 7.32 0.53
CA SER B 339 9.60 8.10 -0.69
C SER B 339 9.73 7.15 -1.86
N THR B 340 9.27 7.65 -3.00
CA THR B 340 9.51 6.98 -4.29
C THR B 340 9.74 8.05 -5.35
N GLY B 341 10.41 7.68 -6.43
CA GLY B 341 10.68 8.61 -7.49
C GLY B 341 11.47 9.85 -7.12
N ILE B 342 11.22 10.91 -7.85
CA ILE B 342 11.95 12.16 -7.81
C ILE B 342 11.47 13.05 -6.67
N ASN B 343 12.38 13.82 -6.08
CA ASN B 343 11.97 14.86 -5.16
C ASN B 343 12.51 16.20 -5.65
N THR B 344 12.11 17.29 -5.00
CA THR B 344 12.42 18.63 -5.55
C THR B 344 13.90 18.98 -5.45
N ALA B 345 14.60 18.40 -4.48
CA ALA B 345 16.05 18.58 -4.37
C ALA B 345 16.77 17.96 -5.58
N LEU B 346 16.42 16.72 -5.91
CA LEU B 346 17.03 16.05 -7.07
C LEU B 346 16.63 16.67 -8.41
N ALA B 347 15.44 17.28 -8.47
CA ALA B 347 15.02 17.97 -9.67
C ALA B 347 15.83 19.26 -9.87
N LYS B 348 16.06 20.00 -8.78
CA LYS B 348 16.86 21.25 -8.84
C LYS B 348 18.32 20.95 -9.22
N ALA B 349 18.87 19.88 -8.66
CA ALA B 349 20.24 19.48 -8.95
C ALA B 349 20.44 19.05 -10.42
N ASN B 350 19.39 18.53 -11.04
CA ASN B 350 19.43 18.07 -12.43
C ASN B 350 18.71 19.00 -13.40
N ASN B 351 18.41 20.21 -12.94
CA ASN B 351 17.72 21.23 -13.74
C ASN B 351 16.47 20.67 -14.46
N LEU B 352 15.67 19.90 -13.71
CA LEU B 352 14.34 19.48 -14.12
C LEU B 352 13.34 20.44 -13.54
N LYS B 353 12.37 20.84 -14.35
CA LYS B 353 11.30 21.71 -13.91
C LYS B 353 10.12 20.78 -13.59
N VAL B 354 9.78 20.72 -12.31
CA VAL B 354 8.67 19.90 -11.84
C VAL B 354 7.72 20.75 -10.97
N SER B 355 6.53 20.22 -10.74
CA SER B 355 5.59 20.77 -9.78
C SER B 355 5.53 19.82 -8.59
N GLU B 356 5.12 20.33 -7.43
CA GLU B 356 4.94 19.52 -6.24
C GLU B 356 3.85 20.17 -5.38
N VAL B 357 3.01 19.33 -4.80
CA VAL B 357 2.07 19.74 -3.78
C VAL B 357 2.45 19.06 -2.47
N ILE B 358 2.27 19.74 -1.35
CA ILE B 358 2.55 19.19 -0.05
C ILE B 358 1.30 19.42 0.75
N ILE B 359 0.70 18.36 1.30
CA ILE B 359 -0.51 18.48 2.12
C ILE B 359 -0.41 17.57 3.35
N ALA B 360 -1.20 17.89 4.37
CA ALA B 360 -1.28 17.04 5.53
C ALA B 360 -2.75 16.80 5.85
N ASP B 361 -3.04 15.56 6.18
CA ASP B 361 -4.38 15.16 6.48
C ASP B 361 -4.30 13.99 7.44
N ASN B 362 -5.28 13.87 8.33
CA ASN B 362 -5.39 12.67 9.13
C ASN B 362 -5.66 11.48 8.22
N TYR B 363 -5.01 10.33 8.48
CA TYR B 363 -5.12 9.18 7.57
C TYR B 363 -6.51 8.53 7.66
N ARG B 364 -7.18 8.68 8.79
CA ARG B 364 -8.53 8.17 8.93
C ARG B 364 -9.36 9.17 9.75
N PRO B 365 -10.68 9.02 9.74
CA PRO B 365 -11.55 10.05 10.32
C PRO B 365 -11.32 10.36 11.78
N GLU B 366 -11.57 11.63 12.08
CA GLU B 366 -11.42 12.20 13.43
C GLU B 366 -12.40 11.58 14.44
N PHE B 367 -13.52 11.05 13.99
CA PHE B 367 -14.45 10.38 14.91
C PHE B 367 -13.90 9.05 15.44
N MET B 368 -12.79 8.56 14.88
CA MET B 368 -12.19 7.33 15.38
C MET B 368 -11.55 7.63 16.76
N LEU B 369 -11.32 6.60 17.55
CA LEU B 369 -10.77 6.86 18.87
C LEU B 369 -9.31 7.33 18.79
N SER B 370 -8.64 7.00 17.70
CA SER B 370 -7.33 7.60 17.41
C SER B 370 -7.16 7.75 15.91
N THR B 371 -6.36 8.75 15.55
CA THR B 371 -5.93 8.98 14.18
C THR B 371 -4.59 9.68 14.19
N ASP B 372 -3.92 9.74 13.05
CA ASP B 372 -2.62 10.41 12.96
C ASP B 372 -2.51 11.19 11.69
N GLU B 373 -1.83 12.32 11.78
CA GLU B 373 -1.57 13.13 10.61
C GLU B 373 -0.61 12.37 9.66
N VAL B 374 -0.91 12.39 8.36
CA VAL B 374 0.04 11.95 7.33
C VAL B 374 0.44 13.20 6.56
N LEU B 375 1.75 13.47 6.50
CA LEU B 375 2.32 14.51 5.67
C LEU B 375 2.72 13.87 4.33
N MET B 376 2.32 14.51 3.24
CA MET B 376 2.39 13.94 1.89
C MET B 376 2.89 14.95 0.88
N SER B 377 3.74 14.47 -0.04
CA SER B 377 4.19 15.25 -1.18
C SER B 377 4.02 14.41 -2.44
N LEU B 378 3.63 15.10 -3.50
CA LEU B 378 3.52 14.49 -4.80
C LEU B 378 4.20 15.43 -5.80
N VAL B 379 5.10 14.86 -6.61
CA VAL B 379 5.90 15.58 -7.57
C VAL B 379 5.45 15.08 -8.94
N TYR B 380 5.15 15.99 -9.86
CA TYR B 380 4.61 15.62 -11.17
C TYR B 380 5.09 16.58 -12.26
N ASP B 381 5.02 16.14 -13.50
CA ASP B 381 5.42 16.92 -14.65
C ASP B 381 4.34 17.94 -14.95
N PRO B 382 4.69 19.23 -15.00
CA PRO B 382 3.71 20.29 -15.23
C PRO B 382 2.93 20.16 -16.53
N LYS B 383 3.55 19.58 -17.56
CA LYS B 383 2.93 19.53 -18.87
C LYS B 383 2.15 18.22 -19.08
N THR B 384 2.77 17.07 -18.81
CA THR B 384 2.10 15.78 -19.04
C THR B 384 1.22 15.33 -17.89
N ARG B 385 1.39 15.99 -16.75
CA ARG B 385 0.72 15.67 -15.48
C ARG B 385 1.10 14.29 -14.96
N VAL B 386 2.14 13.67 -15.52
CA VAL B 386 2.56 12.32 -15.05
C VAL B 386 3.25 12.44 -13.69
N ILE B 387 2.98 11.49 -12.80
CA ILE B 387 3.57 11.47 -11.48
C ILE B 387 5.05 11.04 -11.61
N LEU B 388 5.92 11.76 -10.94
CA LEU B 388 7.36 11.54 -11.02
C LEU B 388 7.92 11.11 -9.68
N GLY B 389 7.19 11.36 -8.61
CA GLY B 389 7.64 10.96 -7.29
C GLY B 389 6.65 11.32 -6.19
N GLY B 390 6.89 10.78 -5.00
CA GLY B 390 6.09 11.16 -3.85
C GLY B 390 6.73 10.78 -2.55
N ALA B 391 6.21 11.29 -1.44
CA ALA B 391 6.72 10.90 -0.14
C ALA B 391 5.63 11.04 0.92
N LEU B 392 5.66 10.17 1.94
CA LEU B 392 4.70 10.20 3.03
C LEU B 392 5.43 10.02 4.36
N SER B 393 4.89 10.67 5.40
CA SER B 393 5.37 10.47 6.74
C SER B 393 4.21 10.51 7.74
N SER B 394 4.21 9.56 8.67
CA SER B 394 3.21 9.47 9.72
C SER B 394 3.69 8.61 10.88
N MET B 395 3.11 8.85 12.07
CA MET B 395 3.24 7.85 13.15
C MET B 395 2.53 6.54 12.79
N HIS B 396 1.51 6.59 11.96
CA HIS B 396 0.90 5.40 11.38
C HIS B 396 1.82 4.84 10.29
N ASP B 397 1.97 3.53 10.23
CA ASP B 397 2.81 2.91 9.18
C ASP B 397 2.11 2.99 7.81
N VAL B 398 2.46 4.05 7.08
CA VAL B 398 1.95 4.33 5.76
C VAL B 398 2.93 3.84 4.67
N SER B 399 3.90 2.99 5.03
CA SER B 399 4.96 2.60 4.10
C SER B 399 4.46 2.01 2.83
N GLN B 400 3.39 1.24 2.92
CA GLN B 400 2.86 0.51 1.76
C GLN B 400 2.31 1.49 0.70
N SER B 401 1.98 2.71 1.11
CA SER B 401 1.60 3.78 0.18
C SER B 401 2.67 4.19 -0.81
N ALA B 402 3.93 4.08 -0.43
CA ALA B 402 5.00 4.36 -1.38
C ALA B 402 5.01 3.31 -2.47
N ASN B 403 4.58 2.09 -2.14
CA ASN B 403 4.45 1.04 -3.15
C ASN B 403 3.30 1.31 -4.09
N VAL B 404 2.24 1.94 -3.61
CA VAL B 404 1.13 2.35 -4.47
C VAL B 404 1.61 3.40 -5.47
N LEU B 405 2.36 4.37 -4.98
CA LEU B 405 2.89 5.43 -5.84
C LEU B 405 3.96 4.88 -6.78
N SER B 406 4.74 3.89 -6.34
CA SER B 406 5.72 3.25 -7.23
C SER B 406 5.05 2.61 -8.43
N VAL B 407 3.94 1.91 -8.23
CA VAL B 407 3.20 1.31 -9.33
C VAL B 407 2.58 2.37 -10.25
N CYS B 408 2.11 3.47 -9.67
CA CYS B 408 1.65 4.61 -10.49
C CYS B 408 2.76 5.10 -11.42
N ILE B 409 3.95 5.30 -10.85
CA ILE B 409 5.09 5.79 -11.59
C ILE B 409 5.50 4.77 -12.67
N GLN B 410 5.45 3.49 -12.33
CA GLN B 410 5.84 2.44 -13.25
C GLN B 410 4.99 2.51 -14.52
N ASN B 411 3.71 2.79 -14.34
CA ASN B 411 2.76 2.80 -15.46
C ASN B 411 2.59 4.21 -16.05
N LYS B 412 3.41 5.15 -15.61
CA LYS B 412 3.31 6.55 -16.03
C LYS B 412 1.87 7.14 -15.81
N ASN B 413 1.26 6.76 -14.71
CA ASN B 413 -0.06 7.31 -14.38
C ASN B 413 0.04 8.80 -14.03
N THR B 414 -1.06 9.52 -14.23
CA THR B 414 -1.11 10.96 -13.99
C THR B 414 -1.71 11.28 -12.64
N ILE B 415 -1.65 12.56 -12.28
CA ILE B 415 -2.28 13.03 -11.06
C ILE B 415 -3.81 12.80 -11.12
N ASP B 416 -4.36 12.78 -12.33
CA ASP B 416 -5.81 12.62 -12.55
C ASP B 416 -6.20 11.18 -12.30
N ASP B 417 -5.37 10.25 -12.76
CA ASP B 417 -5.49 8.82 -12.42
C ASP B 417 -5.48 8.57 -10.90
N LEU B 418 -4.50 9.10 -10.22
CA LEU B 418 -4.34 8.90 -8.78
C LEU B 418 -5.57 9.49 -8.03
N ALA B 419 -6.06 10.62 -8.53
CA ALA B 419 -7.18 11.31 -7.91
C ALA B 419 -8.42 10.45 -7.82
N MET B 420 -8.64 9.58 -8.80
CA MET B 420 -9.89 8.82 -8.86
C MET B 420 -9.77 7.29 -8.81
N VAL B 421 -8.57 6.75 -8.93
CA VAL B 421 -8.43 5.28 -8.99
C VAL B 421 -9.08 4.67 -7.76
N ASP B 422 -9.73 3.54 -7.95
CA ASP B 422 -10.37 2.78 -6.89
C ASP B 422 -9.39 2.41 -5.79
N MET B 423 -9.71 2.80 -4.56
CA MET B 423 -8.99 2.40 -3.36
C MET B 423 -10.03 2.14 -2.28
N LEU B 424 -9.84 1.13 -1.42
CA LEU B 424 -10.88 0.71 -0.52
C LEU B 424 -11.13 1.79 0.56
N PHE B 425 -12.38 1.86 1.01
CA PHE B 425 -12.77 2.63 2.20
C PHE B 425 -13.28 1.73 3.33
N GLN B 426 -12.68 1.85 4.49
CA GLN B 426 -13.33 1.49 5.73
C GLN B 426 -12.74 2.44 6.75
N PRO B 427 -13.54 2.98 7.64
CA PRO B 427 -13.04 3.99 8.60
C PRO B 427 -11.86 3.56 9.47
N GLN B 428 -11.70 2.26 9.72
CA GLN B 428 -10.50 1.78 10.40
C GLN B 428 -9.19 2.03 9.62
N PHE B 429 -9.30 2.27 8.32
CA PHE B 429 -8.15 2.44 7.43
C PHE B 429 -8.00 3.84 6.84
N ASP B 430 -9.10 4.46 6.48
CA ASP B 430 -9.05 5.72 5.73
C ASP B 430 -10.38 6.44 5.72
N ARG B 431 -10.40 7.61 5.10
CA ARG B 431 -11.65 8.34 4.75
C ARG B 431 -12.23 7.75 3.47
N PRO B 432 -13.45 8.12 3.05
CA PRO B 432 -14.02 7.62 1.80
C PRO B 432 -13.12 7.65 0.57
N PHE B 433 -12.43 8.77 0.33
CA PHE B 433 -11.31 8.82 -0.55
C PHE B 433 -10.06 8.56 0.27
N ASN B 434 -9.23 7.61 -0.19
CA ASN B 434 -7.95 7.31 0.47
C ASN B 434 -7.09 8.58 0.43
N TYR B 435 -6.21 8.73 1.42
CA TYR B 435 -5.31 9.88 1.49
C TYR B 435 -4.44 10.04 0.24
N LEU B 436 -4.14 8.95 -0.47
CA LEU B 436 -3.48 9.04 -1.76
C LEU B 436 -4.37 9.63 -2.85
N ASN B 437 -5.67 9.28 -2.85
CA ASN B 437 -6.64 9.96 -3.73
C ASN B 437 -6.73 11.44 -3.44
N ILE B 438 -6.75 11.78 -2.15
CA ILE B 438 -6.83 13.18 -1.74
C ILE B 438 -5.59 13.95 -2.18
N LEU B 439 -4.44 13.27 -2.17
CA LEU B 439 -3.17 13.86 -2.62
C LEU B 439 -3.25 14.14 -4.10
N GLY B 440 -3.72 13.15 -4.86
CA GLY B 440 -3.91 13.37 -6.28
C GLY B 440 -4.84 14.52 -6.61
N GLN B 441 -5.93 14.61 -5.85
CA GLN B 441 -6.91 15.69 -6.03
C GLN B 441 -6.29 17.06 -5.72
N ALA B 442 -5.43 17.12 -4.70
CA ALA B 442 -4.71 18.36 -4.39
C ALA B 442 -3.75 18.76 -5.51
N ALA B 443 -3.10 17.77 -6.13
CA ALA B 443 -2.21 18.02 -7.28
C ALA B 443 -3.01 18.54 -8.49
N GLN B 444 -4.15 17.89 -8.76
CA GLN B 444 -5.09 18.37 -9.78
C GLN B 444 -5.48 19.82 -9.57
N ALA B 445 -5.83 20.19 -8.33
CA ALA B 445 -6.28 21.54 -8.06
C ALA B 445 -5.17 22.57 -8.28
N GLN B 446 -3.95 22.23 -7.84
CA GLN B 446 -2.78 23.03 -8.12
C GLN B 446 -2.55 23.22 -9.61
N ALA B 447 -2.47 22.11 -10.33
CA ALA B 447 -2.22 22.14 -11.77
C ALA B 447 -3.28 22.97 -12.53
N ASP B 448 -4.55 22.85 -12.14
CA ASP B 448 -5.64 23.54 -12.85
C ASP B 448 -5.62 25.05 -12.53
N LYS B 449 -4.96 25.42 -11.43
CA LYS B 449 -4.56 26.79 -11.02
C LYS B 449 -5.32 27.29 -9.82
#